data_6WG2
#
_entry.id   6WG2
#
_cell.length_a   82.166
_cell.length_b   55.706
_cell.length_c   115.732
_cell.angle_alpha   90.00
_cell.angle_beta   98.89
_cell.angle_gamma   90.00
#
_symmetry.space_group_name_H-M   'P 1 21 1'
#
loop_
_entity.id
_entity.type
_entity.pdbx_description
1 polymer 'Fab239 heavy chain'
2 polymer 'Fab239 light chain'
3 polymer 'NPNA4 peptide'
4 water water
#
loop_
_entity_poly.entity_id
_entity_poly.type
_entity_poly.pdbx_seq_one_letter_code
_entity_poly.pdbx_strand_id
1 'polypeptide(L)'
;QVQLVESGGGVVQPGRSLRLSCAASRLTFRNFGMHWVRQTPGKGLEWVAVIWHDGSNKFYADSVEGRFTISRDNSKNTLY
LQMNSLRDEDTAIYYCAKDWGGASDRVFDYWGRGTLVIVSSASTKGPSVFPLAPSSKSTSGGTAALGCLVKDYFPEPVTV
SWNSGALTSGVHTFPAVLQSSGLYSLSSVVTVPSSSLGTQTYICNVNHKPSNTKVDKKVEPKSC
;
H,I
2 'polypeptide(L)'
;DIQMTQSPSTLSASVGDRVTITCRASQSVSTSLAWYQQKPGKAPNLLIYQASTLYRGVPSRFSGSGSGTEFTLTIGSLQP
DDFATYYCQHYNSYSRITFGQGTRLEIKRTVAAPSVFIFPPSDEQLKSGTASVVCLLNNFYPREAKVQWKVDNALQSGNS
QESVTEQDSKDSTYSLSSTLTLSKADYEKHKVYACEVTHQGLSSPVTKSFNRGEC
;
L,M
3 'polypeptide(L)' (ACE)NPNANPNANPNANPNA(NH2) P
#
# COMPACT_ATOMS: atom_id res chain seq x y z
N GLN A 1 -8.80 -12.65 -4.55
CA GLN A 1 -7.49 -12.32 -3.99
C GLN A 1 -6.61 -13.54 -3.80
N VAL A 2 -5.30 -13.38 -4.00
CA VAL A 2 -4.36 -14.46 -3.80
C VAL A 2 -4.38 -14.90 -2.35
N GLN A 3 -4.28 -16.21 -2.12
CA GLN A 3 -4.32 -16.77 -0.78
C GLN A 3 -3.35 -17.92 -0.65
N LEU A 4 -2.53 -17.90 0.39
CA LEU A 4 -1.61 -18.98 0.73
C LEU A 4 -1.94 -19.50 2.12
N VAL A 5 -1.97 -20.82 2.26
CA VAL A 5 -2.35 -21.48 3.51
C VAL A 5 -1.32 -22.55 3.82
N GLU A 6 -0.57 -22.38 4.90
CA GLU A 6 0.42 -23.35 5.33
C GLU A 6 -0.20 -24.38 6.26
N SER A 7 0.46 -25.54 6.34
CA SER A 7 -0.03 -26.63 7.17
C SER A 7 1.12 -27.58 7.48
N GLY A 8 0.90 -28.44 8.47
CA GLY A 8 1.87 -29.44 8.85
C GLY A 8 2.73 -29.12 10.04
N GLY A 9 2.51 -27.99 10.70
CA GLY A 9 3.31 -27.64 11.87
C GLY A 9 2.88 -28.40 13.11
N GLY A 10 3.67 -28.21 14.17
CA GLY A 10 3.38 -28.85 15.44
C GLY A 10 4.61 -28.85 16.32
N VAL A 11 4.59 -29.74 17.31
CA VAL A 11 5.72 -29.95 18.21
C VAL A 11 6.40 -31.24 17.81
N VAL A 12 7.69 -31.16 17.48
CA VAL A 12 8.48 -32.32 17.10
C VAL A 12 9.71 -32.39 17.99
N GLN A 13 10.27 -33.58 18.07
CA GLN A 13 11.48 -33.79 18.86
C GLN A 13 12.71 -33.46 18.03
N PRO A 14 13.82 -33.09 18.68
CA PRO A 14 15.06 -32.85 17.93
C PRO A 14 15.54 -34.10 17.24
N GLY A 15 16.11 -33.93 16.05
CA GLY A 15 16.65 -35.02 15.29
C GLY A 15 15.67 -35.74 14.39
N ARG A 16 14.39 -35.37 14.42
CA ARG A 16 13.38 -36.02 13.62
C ARG A 16 12.92 -35.09 12.49
N SER A 17 12.01 -35.60 11.66
CA SER A 17 11.62 -34.92 10.44
C SER A 17 10.22 -34.32 10.58
N LEU A 18 9.89 -33.45 9.62
CA LEU A 18 8.58 -32.83 9.54
C LEU A 18 8.41 -32.19 8.16
N ARG A 19 7.30 -32.48 7.49
CA ARG A 19 7.03 -31.96 6.15
C ARG A 19 6.00 -30.83 6.25
N LEU A 20 6.37 -29.65 5.78
CA LEU A 20 5.46 -28.51 5.71
C LEU A 20 4.84 -28.44 4.31
N SER A 21 3.62 -27.90 4.26
CA SER A 21 2.89 -27.78 3.01
C SER A 21 2.22 -26.42 2.96
N CYS A 22 2.08 -25.89 1.74
CA CYS A 22 1.50 -24.57 1.52
C CYS A 22 0.65 -24.63 0.27
N ALA A 23 -0.66 -24.41 0.43
CA ALA A 23 -1.63 -24.48 -0.65
C ALA A 23 -1.94 -23.09 -1.16
N ALA A 24 -1.74 -22.88 -2.46
CA ALA A 24 -2.04 -21.62 -3.12
C ALA A 24 -3.42 -21.68 -3.77
N SER A 25 -4.08 -20.52 -3.82
CA SER A 25 -5.39 -20.42 -4.43
C SER A 25 -5.50 -19.05 -5.08
N ARG A 26 -6.28 -18.98 -6.16
CA ARG A 26 -6.46 -17.75 -6.93
C ARG A 26 -5.10 -17.14 -7.29
N LEU A 27 -4.29 -17.93 -7.99
CA LEU A 27 -2.94 -17.53 -8.36
C LEU A 27 -2.39 -18.46 -9.41
N THR A 28 -1.81 -17.91 -10.48
CA THR A 28 -1.12 -18.72 -11.48
C THR A 28 0.16 -19.24 -10.82
N PHE A 29 -0.01 -20.34 -10.10
CA PHE A 29 1.06 -20.86 -9.23
C PHE A 29 2.29 -21.25 -10.03
N ARG A 30 2.10 -21.89 -11.19
CA ARG A 30 3.23 -22.36 -11.99
C ARG A 30 4.05 -21.23 -12.60
N ASN A 31 3.61 -19.98 -12.45
CA ASN A 31 4.32 -18.85 -13.04
C ASN A 31 5.37 -18.24 -12.13
N PHE A 32 5.35 -18.57 -10.83
CA PHE A 32 6.13 -17.85 -9.85
C PHE A 32 7.02 -18.79 -9.05
N GLY A 33 8.25 -18.34 -8.80
CA GLY A 33 9.06 -18.97 -7.77
C GLY A 33 8.48 -18.74 -6.40
N MET A 34 8.71 -19.69 -5.50
CA MET A 34 8.16 -19.65 -4.16
C MET A 34 9.28 -19.76 -3.13
N HIS A 35 9.13 -19.01 -2.04
CA HIS A 35 10.10 -18.98 -0.96
C HIS A 35 9.47 -19.49 0.33
N TRP A 36 10.34 -19.77 1.30
CA TRP A 36 9.96 -19.98 2.68
C TRP A 36 10.74 -19.00 3.54
N VAL A 37 10.05 -18.34 4.47
CA VAL A 37 10.66 -17.46 5.43
C VAL A 37 10.18 -17.88 6.82
N ARG A 38 11.07 -17.84 7.80
CA ARG A 38 10.71 -18.20 9.16
C ARG A 38 11.01 -17.05 10.10
N GLN A 39 10.29 -17.05 11.23
CA GLN A 39 10.42 -16.01 12.24
C GLN A 39 10.69 -16.68 13.58
N THR A 40 11.88 -16.45 14.12
CA THR A 40 12.26 -17.05 15.39
C THR A 40 11.49 -16.40 16.54
N PRO A 41 11.47 -17.03 17.72
CA PRO A 41 10.80 -16.41 18.88
C PRO A 41 11.27 -14.99 19.18
N GLY A 42 12.51 -14.65 18.84
CA GLY A 42 12.99 -13.29 18.99
C GLY A 42 12.54 -12.31 17.95
N LYS A 43 11.54 -12.68 17.13
CA LYS A 43 10.95 -11.88 16.07
C LYS A 43 11.91 -11.64 14.89
N GLY A 44 13.10 -12.22 14.91
CA GLY A 44 13.98 -12.11 13.77
C GLY A 44 13.46 -12.89 12.58
N LEU A 45 13.73 -12.39 11.38
CA LEU A 45 13.29 -13.03 10.15
C LEU A 45 14.46 -13.73 9.48
N GLU A 46 14.18 -14.88 8.87
CA GLU A 46 15.21 -15.69 8.24
C GLU A 46 14.66 -16.35 6.99
N TRP A 47 15.25 -16.03 5.84
CA TRP A 47 14.90 -16.69 4.58
C TRP A 47 15.42 -18.12 4.60
N VAL A 48 14.59 -19.07 4.17
CA VAL A 48 14.91 -20.49 4.28
C VAL A 48 15.33 -21.05 2.94
N ALA A 49 14.45 -20.97 1.94
CA ALA A 49 14.75 -21.58 0.65
C ALA A 49 13.90 -20.94 -0.44
N VAL A 50 14.32 -21.17 -1.69
CA VAL A 50 13.60 -20.72 -2.87
C VAL A 50 13.57 -21.86 -3.89
N ILE A 51 12.49 -21.93 -4.66
CA ILE A 51 12.38 -22.88 -5.76
C ILE A 51 11.82 -22.14 -6.97
N TRP A 52 12.31 -22.48 -8.15
CA TRP A 52 11.89 -21.80 -9.36
C TRP A 52 10.53 -22.31 -9.82
N HIS A 53 9.96 -21.61 -10.80
CA HIS A 53 8.60 -21.89 -11.27
C HIS A 53 8.47 -23.35 -11.72
N ASP A 54 9.44 -23.85 -12.46
CA ASP A 54 9.44 -25.23 -12.92
C ASP A 54 10.18 -26.17 -11.98
N GLY A 55 10.68 -25.66 -10.86
CA GLY A 55 11.48 -26.49 -9.98
C GLY A 55 12.86 -26.82 -10.49
N SER A 56 13.33 -26.09 -11.51
CA SER A 56 14.63 -26.40 -12.09
C SER A 56 15.78 -25.95 -11.22
N ASN A 57 15.55 -25.01 -10.31
CA ASN A 57 16.59 -24.50 -9.43
C ASN A 57 16.06 -24.38 -8.02
N LYS A 58 16.92 -24.66 -7.06
CA LYS A 58 16.60 -24.55 -5.64
C LYS A 58 17.81 -24.00 -4.90
N PHE A 59 17.57 -23.12 -3.94
CA PHE A 59 18.63 -22.60 -3.10
C PHE A 59 18.16 -22.59 -1.66
N TYR A 60 19.12 -22.63 -0.75
CA TYR A 60 18.84 -22.79 0.68
C TYR A 60 19.74 -21.86 1.47
N ALA A 61 19.26 -21.44 2.64
CA ALA A 61 20.11 -20.76 3.59
C ALA A 61 21.18 -21.72 4.09
N ASP A 62 22.35 -21.18 4.42
CA ASP A 62 23.45 -22.03 4.86
C ASP A 62 23.10 -22.81 6.12
N SER A 63 22.17 -22.29 6.92
CA SER A 63 21.81 -22.98 8.16
C SER A 63 21.02 -24.26 7.91
N VAL A 64 20.38 -24.41 6.75
CA VAL A 64 19.54 -25.56 6.48
C VAL A 64 19.99 -26.36 5.26
N GLU A 65 21.16 -26.04 4.71
CA GLU A 65 21.66 -26.73 3.53
C GLU A 65 21.93 -28.20 3.85
N GLY A 66 21.34 -29.09 3.06
CA GLY A 66 21.50 -30.52 3.24
C GLY A 66 20.47 -31.17 4.14
N ARG A 67 19.85 -30.40 5.03
CA ARG A 67 18.81 -30.92 5.91
C ARG A 67 17.40 -30.62 5.42
N PHE A 68 17.22 -29.50 4.71
CA PHE A 68 15.91 -29.09 4.20
C PHE A 68 15.84 -29.35 2.71
N THR A 69 14.63 -29.65 2.24
CA THR A 69 14.40 -29.87 0.81
C THR A 69 13.09 -29.21 0.42
N ILE A 70 13.17 -28.26 -0.50
CA ILE A 70 12.01 -27.56 -1.02
C ILE A 70 11.58 -28.24 -2.32
N SER A 71 10.27 -28.27 -2.55
CA SER A 71 9.72 -28.81 -3.80
C SER A 71 8.31 -28.31 -3.96
N ARG A 72 7.74 -28.54 -5.14
CA ARG A 72 6.42 -28.05 -5.47
C ARG A 72 5.74 -29.02 -6.42
N ASP A 73 4.42 -28.88 -6.55
CA ASP A 73 3.63 -29.68 -7.47
C ASP A 73 2.66 -28.70 -8.15
N ASN A 74 2.96 -28.34 -9.39
CA ASN A 74 2.18 -27.32 -10.07
C ASN A 74 0.76 -27.79 -10.39
N SER A 75 0.56 -29.09 -10.56
CA SER A 75 -0.78 -29.59 -10.86
C SER A 75 -1.72 -29.49 -9.66
N LYS A 76 -1.18 -29.37 -8.45
CA LYS A 76 -1.99 -29.20 -7.25
C LYS A 76 -1.81 -27.84 -6.60
N ASN A 77 -0.97 -26.98 -7.16
CA ASN A 77 -0.72 -25.64 -6.63
C ASN A 77 -0.27 -25.70 -5.17
N THR A 78 0.69 -26.58 -4.90
CA THR A 78 1.16 -26.83 -3.55
C THR A 78 2.68 -26.73 -3.49
N LEU A 79 3.19 -26.03 -2.48
CA LEU A 79 4.60 -25.93 -2.21
C LEU A 79 4.93 -26.77 -0.98
N TYR A 80 6.11 -27.39 -0.97
CA TYR A 80 6.51 -28.28 0.10
C TYR A 80 7.83 -27.83 0.72
N LEU A 81 8.02 -28.22 1.97
CA LEU A 81 9.30 -28.03 2.66
C LEU A 81 9.55 -29.25 3.52
N GLN A 82 10.46 -30.12 3.09
CA GLN A 82 10.87 -31.28 3.87
C GLN A 82 11.99 -30.87 4.82
N MET A 83 11.74 -30.99 6.12
CA MET A 83 12.72 -30.65 7.14
C MET A 83 13.23 -31.92 7.81
N ASN A 84 14.55 -32.09 7.85
CA ASN A 84 15.17 -33.23 8.50
C ASN A 84 16.23 -32.73 9.47
N SER A 85 16.56 -33.60 10.44
CA SER A 85 17.57 -33.30 11.46
C SER A 85 17.29 -31.96 12.15
N LEU A 86 16.07 -31.86 12.69
CA LEU A 86 15.62 -30.59 13.26
C LEU A 86 16.28 -30.33 14.60
N ARG A 87 16.59 -29.06 14.86
CA ARG A 87 17.19 -28.61 16.11
C ARG A 87 16.28 -27.59 16.79
N ASP A 88 16.60 -27.32 18.05
CA ASP A 88 15.92 -26.25 18.78
C ASP A 88 16.00 -24.93 18.03
N GLU A 89 17.11 -24.70 17.31
CA GLU A 89 17.28 -23.43 16.60
C GLU A 89 16.27 -23.25 15.48
N ASP A 90 15.67 -24.34 14.98
CA ASP A 90 14.68 -24.26 13.92
C ASP A 90 13.29 -23.90 14.43
N THR A 91 13.12 -23.73 15.74
CA THR A 91 11.82 -23.33 16.28
C THR A 91 11.45 -21.95 15.75
N ALA A 92 10.33 -21.88 15.02
CA ALA A 92 9.93 -20.65 14.36
C ALA A 92 8.53 -20.82 13.80
N ILE A 93 7.98 -19.70 13.33
CA ILE A 93 6.81 -19.70 12.47
C ILE A 93 7.31 -19.72 11.03
N TYR A 94 6.78 -20.65 10.23
CA TYR A 94 7.25 -20.84 8.87
C TYR A 94 6.20 -20.33 7.90
N TYR A 95 6.53 -19.25 7.20
CA TYR A 95 5.70 -18.71 6.14
C TYR A 95 6.16 -19.24 4.79
N CYS A 96 5.21 -19.63 3.94
CA CYS A 96 5.47 -19.72 2.51
C CYS A 96 5.18 -18.36 1.90
N ALA A 97 6.05 -17.94 0.98
CA ALA A 97 5.98 -16.61 0.40
C ALA A 97 6.10 -16.70 -1.11
N LYS A 98 5.35 -15.85 -1.80
CA LYS A 98 5.38 -15.80 -3.26
C LYS A 98 6.40 -14.77 -3.71
N ASP A 99 7.24 -15.15 -4.67
CA ASP A 99 8.15 -14.19 -5.27
C ASP A 99 7.37 -13.15 -6.06
N TRP A 100 7.74 -11.88 -5.90
CA TRP A 100 6.94 -10.80 -6.46
C TRP A 100 6.79 -10.92 -7.97
N GLY A 101 7.84 -11.36 -8.65
CA GLY A 101 7.83 -11.43 -10.10
C GLY A 101 8.68 -10.38 -10.77
N GLY A 102 9.09 -9.33 -10.05
CA GLY A 102 10.08 -8.42 -10.55
C GLY A 102 11.37 -9.16 -10.84
N ALA A 103 11.89 -9.04 -12.06
CA ALA A 103 13.09 -9.80 -12.44
C ALA A 103 14.26 -9.47 -11.54
N SER A 104 14.42 -8.20 -11.16
CA SER A 104 15.56 -7.76 -10.38
C SER A 104 15.33 -7.82 -8.88
N ASP A 105 14.11 -8.06 -8.41
CA ASP A 105 13.74 -7.82 -7.02
C ASP A 105 13.21 -9.10 -6.39
N ARG A 106 14.00 -9.68 -5.49
CA ARG A 106 13.59 -10.87 -4.74
C ARG A 106 12.87 -10.44 -3.47
N VAL A 107 11.67 -9.90 -3.68
CA VAL A 107 10.82 -9.42 -2.59
C VAL A 107 9.56 -10.27 -2.57
N PHE A 108 8.94 -10.32 -1.39
CA PHE A 108 7.76 -11.14 -1.15
C PHE A 108 6.54 -10.25 -1.01
N ASP A 109 5.56 -10.44 -1.90
CA ASP A 109 4.35 -9.65 -1.89
C ASP A 109 3.22 -10.30 -1.11
N TYR A 110 3.09 -11.62 -1.19
CA TYR A 110 2.02 -12.36 -0.55
C TYR A 110 2.60 -13.39 0.41
N TRP A 111 2.07 -13.41 1.63
CA TRP A 111 2.52 -14.30 2.67
C TRP A 111 1.35 -15.13 3.17
N GLY A 112 1.64 -16.34 3.64
CA GLY A 112 0.65 -17.14 4.31
C GLY A 112 0.49 -16.75 5.77
N ARG A 113 -0.50 -17.37 6.41
CA ARG A 113 -0.72 -17.13 7.83
C ARG A 113 0.44 -17.62 8.69
N GLY A 114 1.26 -18.52 8.17
CA GLY A 114 2.33 -19.13 8.92
C GLY A 114 1.87 -20.37 9.66
N THR A 115 2.82 -21.28 9.88
CA THR A 115 2.57 -22.48 10.67
C THR A 115 3.66 -22.63 11.70
N LEU A 116 3.26 -22.96 12.93
CA LEU A 116 4.18 -22.99 14.06
C LEU A 116 4.89 -24.33 14.13
N VAL A 117 6.19 -24.30 14.40
CA VAL A 117 7.02 -25.49 14.54
C VAL A 117 7.83 -25.33 15.82
N ILE A 118 7.56 -26.19 16.80
CA ILE A 118 8.29 -26.20 18.07
C ILE A 118 9.19 -27.44 18.06
N VAL A 119 10.49 -27.23 18.20
CA VAL A 119 11.45 -28.32 18.32
C VAL A 119 11.89 -28.37 19.77
N SER A 120 11.45 -29.40 20.49
CA SER A 120 11.71 -29.53 21.90
C SER A 120 11.80 -30.99 22.28
N SER A 121 12.67 -31.30 23.23
CA SER A 121 12.70 -32.61 23.85
C SER A 121 11.70 -32.73 24.99
N ALA A 122 11.04 -31.64 25.35
CA ALA A 122 10.12 -31.62 26.49
C ALA A 122 8.80 -32.28 26.14
N SER A 123 8.16 -32.84 27.15
CA SER A 123 6.84 -33.45 27.02
C SER A 123 5.77 -32.51 27.57
N THR A 124 4.55 -32.67 27.07
CA THR A 124 3.44 -31.82 27.48
C THR A 124 3.22 -31.88 28.99
N LYS A 125 3.47 -30.77 29.68
CA LYS A 125 3.32 -30.69 31.13
C LYS A 125 2.52 -29.46 31.50
N GLY A 126 1.56 -29.62 32.41
CA GLY A 126 0.77 -28.54 32.90
C GLY A 126 1.54 -27.66 33.86
N PRO A 127 1.06 -26.45 34.09
CA PRO A 127 1.81 -25.48 34.90
C PRO A 127 1.58 -25.62 36.40
N SER A 128 2.59 -25.23 37.15
CA SER A 128 2.51 -25.08 38.60
C SER A 128 2.30 -23.60 38.91
N VAL A 129 1.33 -23.31 39.76
CA VAL A 129 0.95 -21.94 40.10
C VAL A 129 1.35 -21.64 41.53
N PHE A 130 2.12 -20.58 41.72
CA PHE A 130 2.48 -20.08 43.04
C PHE A 130 2.09 -18.62 43.14
N PRO A 131 1.67 -18.18 44.33
CA PRO A 131 1.18 -16.80 44.46
C PRO A 131 2.29 -15.83 44.84
N LEU A 132 2.19 -14.63 44.26
CA LEU A 132 3.04 -13.50 44.66
C LEU A 132 2.21 -12.67 45.64
N ALA A 133 2.39 -12.93 46.92
CA ALA A 133 1.51 -12.38 47.94
C ALA A 133 1.77 -10.88 48.12
N PRO A 134 0.73 -10.09 48.36
CA PRO A 134 0.92 -8.66 48.61
C PRO A 134 1.18 -8.35 50.08
N SER A 135 2.13 -7.46 50.31
CA SER A 135 2.39 -6.92 51.64
C SER A 135 3.20 -5.64 51.54
N GLY A 142 -1.64 4.29 47.88
CA GLY A 142 -2.29 3.26 48.66
C GLY A 142 -2.78 2.09 47.82
N THR A 143 -1.92 1.61 46.93
CA THR A 143 -2.24 0.48 46.07
C THR A 143 -1.21 -0.63 46.28
N ALA A 144 -1.67 -1.87 46.14
CA ALA A 144 -0.83 -3.05 46.33
C ALA A 144 -0.80 -3.87 45.07
N ALA A 145 0.28 -4.62 44.90
CA ALA A 145 0.48 -5.48 43.73
C ALA A 145 0.56 -6.93 44.20
N LEU A 146 -0.28 -7.77 43.60
CA LEU A 146 -0.26 -9.21 43.82
C LEU A 146 -0.32 -9.90 42.47
N GLY A 147 -0.15 -11.22 42.45
CA GLY A 147 -0.22 -11.90 41.19
C GLY A 147 0.07 -13.38 41.32
N CYS A 148 0.19 -14.02 40.17
CA CYS A 148 0.39 -15.45 40.08
C CYS A 148 1.65 -15.73 39.28
N LEU A 149 2.45 -16.68 39.77
CA LEU A 149 3.60 -17.19 39.05
C LEU A 149 3.21 -18.52 38.44
N VAL A 150 3.26 -18.60 37.12
CA VAL A 150 2.86 -19.77 36.36
C VAL A 150 4.14 -20.38 35.78
N LYS A 151 4.58 -21.50 36.33
CA LYS A 151 5.93 -21.99 36.11
C LYS A 151 5.91 -23.39 35.48
N ASP A 152 6.91 -23.63 34.63
CA ASP A 152 7.28 -24.97 34.15
C ASP A 152 6.08 -25.68 33.51
N TYR A 153 5.72 -25.19 32.33
CA TYR A 153 4.70 -25.82 31.51
C TYR A 153 5.20 -25.94 30.07
N PHE A 154 4.51 -26.75 29.29
CA PHE A 154 4.86 -26.97 27.90
C PHE A 154 3.72 -27.69 27.17
N PRO A 155 3.38 -27.28 25.95
CA PRO A 155 3.95 -26.10 25.31
C PRO A 155 3.05 -24.88 25.47
N GLU A 156 3.42 -23.78 24.82
CA GLU A 156 2.61 -22.58 24.85
C GLU A 156 1.28 -22.83 24.14
N PRO A 157 0.24 -22.05 24.47
CA PRO A 157 0.23 -20.99 25.47
C PRO A 157 -0.59 -21.31 26.71
N VAL A 158 -0.51 -20.44 27.72
CA VAL A 158 -1.49 -20.42 28.81
C VAL A 158 -2.21 -19.09 28.75
N THR A 159 -3.47 -19.12 29.19
CA THR A 159 -4.28 -17.91 29.33
C THR A 159 -4.57 -17.69 30.80
N VAL A 160 -4.42 -16.45 31.26
CA VAL A 160 -4.60 -16.10 32.66
C VAL A 160 -5.71 -15.05 32.74
N SER A 161 -6.71 -15.34 33.57
CA SER A 161 -7.76 -14.40 33.91
C SER A 161 -7.78 -14.21 35.42
N TRP A 162 -8.54 -13.21 35.87
CA TRP A 162 -8.60 -12.87 37.29
C TRP A 162 -10.05 -12.80 37.71
N ASN A 163 -10.41 -13.60 38.71
CA ASN A 163 -11.79 -13.71 39.19
C ASN A 163 -12.75 -14.01 38.05
N SER A 164 -12.35 -14.98 37.21
CA SER A 164 -13.14 -15.45 36.07
C SER A 164 -13.54 -14.30 35.16
N GLY A 165 -12.61 -13.38 34.91
CA GLY A 165 -12.80 -12.31 33.96
C GLY A 165 -13.39 -11.03 34.52
N ALA A 166 -13.83 -11.02 35.77
CA ALA A 166 -14.43 -9.83 36.37
C ALA A 166 -13.39 -8.80 36.82
N LEU A 167 -12.11 -9.02 36.52
CA LEU A 167 -11.05 -8.11 36.93
C LEU A 167 -10.12 -7.92 35.74
N THR A 168 -10.35 -6.84 34.99
CA THR A 168 -9.59 -6.52 33.79
C THR A 168 -8.57 -5.41 33.99
N SER A 169 -8.93 -4.41 34.78
CA SER A 169 -8.10 -3.22 34.92
C SER A 169 -6.83 -3.53 35.70
N GLY A 170 -5.73 -2.91 35.27
CA GLY A 170 -4.45 -3.06 35.97
C GLY A 170 -3.87 -4.46 35.94
N VAL A 171 -4.34 -5.31 35.03
CA VAL A 171 -3.82 -6.67 34.91
C VAL A 171 -2.74 -6.69 33.85
N HIS A 172 -1.64 -7.39 34.13
CA HIS A 172 -0.57 -7.57 33.16
C HIS A 172 -0.14 -9.02 33.15
N THR A 173 -0.37 -9.70 32.03
CA THR A 173 0.09 -11.07 31.84
C THR A 173 1.33 -11.03 30.95
N PHE A 174 2.49 -11.23 31.57
CA PHE A 174 3.75 -11.07 30.85
C PHE A 174 3.94 -12.18 29.83
N PRO A 175 4.69 -11.92 28.76
CA PRO A 175 5.01 -12.99 27.80
C PRO A 175 5.79 -14.11 28.46
N ALA A 176 5.55 -15.32 27.98
CA ALA A 176 6.23 -16.49 28.53
C ALA A 176 7.72 -16.43 28.23
N VAL A 177 8.53 -16.92 29.17
CA VAL A 177 9.97 -17.04 29.00
C VAL A 177 10.33 -18.52 29.04
N LEU A 178 11.31 -18.89 28.23
CA LEU A 178 11.77 -20.28 28.14
C LEU A 178 12.97 -20.47 29.05
N GLN A 179 12.89 -21.45 29.94
CA GLN A 179 13.96 -21.72 30.88
C GLN A 179 14.95 -22.72 30.32
N SER A 180 16.06 -22.89 31.03
CA SER A 180 17.09 -23.84 30.59
C SER A 180 16.61 -25.28 30.63
N SER A 181 15.53 -25.56 31.36
CA SER A 181 14.95 -26.89 31.42
C SER A 181 14.09 -27.23 30.21
N GLY A 182 13.89 -26.29 29.30
CA GLY A 182 12.98 -26.49 28.19
C GLY A 182 11.52 -26.24 28.51
N LEU A 183 11.23 -25.64 29.66
CA LEU A 183 9.86 -25.36 30.08
C LEU A 183 9.64 -23.86 30.17
N TYR A 184 8.39 -23.46 29.97
CA TYR A 184 8.02 -22.05 29.92
C TYR A 184 7.49 -21.58 31.27
N SER A 185 7.68 -20.28 31.53
CA SER A 185 7.21 -19.68 32.75
C SER A 185 6.75 -18.26 32.47
N LEU A 186 5.69 -17.82 33.14
CA LEU A 186 5.25 -16.43 33.07
C LEU A 186 4.67 -16.03 34.41
N SER A 187 4.41 -14.74 34.55
CA SER A 187 3.74 -14.18 35.71
C SER A 187 2.61 -13.27 35.22
N SER A 188 1.53 -13.25 36.00
CA SER A 188 0.43 -12.32 35.78
C SER A 188 0.16 -11.59 37.09
N VAL A 189 0.10 -10.26 37.02
CA VAL A 189 -0.03 -9.44 38.22
C VAL A 189 -1.17 -8.44 38.02
N VAL A 190 -1.76 -8.02 39.14
CA VAL A 190 -2.83 -7.03 39.16
C VAL A 190 -2.55 -6.03 40.27
N THR A 191 -2.71 -4.74 39.97
CA THR A 191 -2.66 -3.70 40.98
C THR A 191 -4.06 -3.48 41.53
N VAL A 192 -4.20 -3.55 42.85
CA VAL A 192 -5.51 -3.47 43.50
C VAL A 192 -5.43 -2.42 44.60
N PRO A 193 -6.59 -1.94 45.08
CA PRO A 193 -6.57 -1.04 46.23
C PRO A 193 -6.09 -1.77 47.48
N SER A 194 -5.11 -1.16 48.16
CA SER A 194 -4.67 -1.70 49.45
C SER A 194 -5.81 -1.78 50.46
N SER A 195 -6.89 -1.03 50.22
CA SER A 195 -8.11 -1.15 51.03
C SER A 195 -8.79 -2.50 50.86
N SER A 196 -8.62 -3.16 49.71
CA SER A 196 -9.44 -4.30 49.32
C SER A 196 -8.90 -5.66 49.77
N LEU A 197 -7.69 -5.71 50.34
CA LEU A 197 -7.00 -6.98 50.49
C LEU A 197 -7.64 -7.88 51.54
N GLY A 198 -8.27 -7.31 52.56
CA GLY A 198 -8.91 -8.09 53.58
C GLY A 198 -10.39 -8.34 53.39
N THR A 199 -10.98 -7.79 52.34
CA THR A 199 -12.41 -7.96 52.07
C THR A 199 -12.69 -8.63 50.73
N GLN A 200 -11.90 -8.35 49.70
CA GLN A 200 -12.08 -8.96 48.40
C GLN A 200 -11.07 -10.08 48.20
N THR A 201 -11.49 -11.11 47.49
CA THR A 201 -10.65 -12.27 47.18
C THR A 201 -10.19 -12.19 45.74
N TYR A 202 -8.90 -12.46 45.53
CA TYR A 202 -8.29 -12.42 44.20
C TYR A 202 -7.79 -13.82 43.86
N ILE A 203 -8.27 -14.35 42.73
CA ILE A 203 -7.94 -15.69 42.26
C ILE A 203 -7.60 -15.58 40.77
N CYS A 204 -6.47 -16.15 40.39
CA CYS A 204 -6.15 -16.25 38.96
C CYS A 204 -6.73 -17.56 38.42
N ASN A 205 -7.01 -17.57 37.12
CA ASN A 205 -7.63 -18.71 36.44
C ASN A 205 -6.72 -19.06 35.27
N VAL A 206 -5.75 -19.93 35.51
CA VAL A 206 -4.79 -20.32 34.50
C VAL A 206 -5.36 -21.45 33.67
N ASN A 207 -5.28 -21.32 32.35
CA ASN A 207 -5.72 -22.36 31.42
C ASN A 207 -4.53 -22.82 30.59
N HIS A 208 -4.32 -24.13 30.54
CA HIS A 208 -3.31 -24.74 29.66
C HIS A 208 -4.01 -25.84 28.88
N LYS A 209 -4.54 -25.48 27.72
CA LYS A 209 -5.31 -26.43 26.91
C LYS A 209 -4.52 -27.65 26.48
N PRO A 210 -3.22 -27.58 26.13
CA PRO A 210 -2.52 -28.81 25.73
C PRO A 210 -2.52 -29.90 26.80
N SER A 211 -2.45 -29.52 28.08
CA SER A 211 -2.47 -30.47 29.18
C SER A 211 -3.85 -30.63 29.80
N ASN A 212 -4.88 -30.04 29.19
CA ASN A 212 -6.24 -30.10 29.71
C ASN A 212 -6.31 -29.54 31.13
N THR A 213 -5.55 -28.47 31.37
CA THR A 213 -5.37 -27.91 32.70
C THR A 213 -6.21 -26.65 32.88
N LYS A 214 -6.97 -26.59 33.97
CA LYS A 214 -7.71 -25.39 34.38
C LYS A 214 -7.55 -25.27 35.88
N VAL A 215 -6.63 -24.42 36.32
CA VAL A 215 -6.25 -24.30 37.72
C VAL A 215 -6.64 -22.92 38.24
N ASP A 216 -7.09 -22.87 39.49
CA ASP A 216 -7.34 -21.62 40.21
C ASP A 216 -6.49 -21.58 41.46
N LYS A 217 -6.17 -20.37 41.91
CA LYS A 217 -5.33 -20.19 43.10
C LYS A 217 -5.68 -18.88 43.77
N LYS A 218 -6.18 -18.96 45.01
CA LYS A 218 -6.53 -17.78 45.78
C LYS A 218 -5.26 -17.10 46.29
N VAL A 219 -5.13 -15.80 46.02
CA VAL A 219 -3.94 -15.03 46.38
C VAL A 219 -4.33 -14.09 47.51
N GLU A 220 -3.84 -14.38 48.71
CA GLU A 220 -4.08 -13.56 49.90
C GLU A 220 -2.74 -13.14 50.50
N PRO A 221 -2.73 -12.07 51.29
CA PRO A 221 -1.47 -11.64 51.92
C PRO A 221 -0.87 -12.73 52.79
N LYS A 222 0.46 -12.71 52.90
CA LYS A 222 1.18 -13.71 53.68
C LYS A 222 0.76 -13.64 55.15
N SER A 223 1.03 -14.73 55.86
CA SER A 223 0.68 -14.84 57.27
C SER A 223 1.50 -13.86 58.12
N VAL B 2 -9.33 -7.16 -40.19
CA VAL B 2 -9.41 -7.64 -38.81
C VAL B 2 -10.30 -6.71 -38.00
N GLN B 3 -11.03 -7.30 -37.05
CA GLN B 3 -12.03 -6.62 -36.24
C GLN B 3 -12.01 -7.17 -34.82
N LEU B 4 -12.05 -6.27 -33.85
CA LEU B 4 -12.23 -6.65 -32.47
C LEU B 4 -13.27 -5.73 -31.85
N VAL B 5 -14.23 -6.32 -31.14
CA VAL B 5 -15.30 -5.55 -30.51
C VAL B 5 -15.47 -6.04 -29.07
N GLU B 6 -15.26 -5.15 -28.11
CA GLU B 6 -15.42 -5.49 -26.71
C GLU B 6 -16.86 -5.26 -26.28
N SER B 7 -17.31 -6.08 -25.33
CA SER B 7 -18.65 -5.97 -24.78
C SER B 7 -18.60 -6.38 -23.31
N GLY B 8 -19.70 -6.12 -22.62
CA GLY B 8 -19.83 -6.47 -21.21
C GLY B 8 -19.57 -5.35 -20.24
N GLY B 9 -19.18 -4.17 -20.71
CA GLY B 9 -18.88 -3.07 -19.82
C GLY B 9 -20.13 -2.48 -19.18
N GLY B 10 -19.90 -1.65 -18.18
CA GLY B 10 -20.98 -1.02 -17.46
C GLY B 10 -20.52 -0.63 -16.06
N VAL B 11 -21.51 -0.29 -15.22
CA VAL B 11 -21.25 0.07 -13.83
C VAL B 11 -21.34 -1.19 -12.98
N VAL B 12 -20.40 -1.34 -12.06
CA VAL B 12 -20.37 -2.47 -11.14
C VAL B 12 -19.92 -1.97 -9.77
N GLN B 13 -20.59 -2.43 -8.73
CA GLN B 13 -20.25 -2.01 -7.38
C GLN B 13 -18.94 -2.67 -6.95
N PRO B 14 -18.20 -2.02 -6.05
CA PRO B 14 -16.93 -2.62 -5.58
C PRO B 14 -17.16 -3.97 -4.93
N GLY B 15 -16.18 -4.87 -5.11
CA GLY B 15 -16.25 -6.21 -4.61
C GLY B 15 -17.00 -7.19 -5.50
N ARG B 16 -17.83 -6.70 -6.43
CA ARG B 16 -18.60 -7.57 -7.30
C ARG B 16 -17.74 -8.02 -8.48
N SER B 17 -18.36 -8.73 -9.41
CA SER B 17 -17.67 -9.33 -10.54
C SER B 17 -18.25 -8.83 -11.86
N LEU B 18 -17.50 -9.05 -12.93
CA LEU B 18 -17.92 -8.66 -14.27
C LEU B 18 -17.13 -9.47 -15.28
N ARG B 19 -17.80 -9.88 -16.36
CA ARG B 19 -17.17 -10.69 -17.40
C ARG B 19 -17.21 -9.93 -18.72
N LEU B 20 -16.04 -9.57 -19.23
CA LEU B 20 -15.94 -8.92 -20.53
C LEU B 20 -15.74 -9.96 -21.63
N SER B 21 -16.09 -9.56 -22.85
CA SER B 21 -15.95 -10.43 -24.01
C SER B 21 -15.47 -9.61 -25.20
N CYS B 22 -14.69 -10.25 -26.07
CA CYS B 22 -14.16 -9.61 -27.26
C CYS B 22 -14.32 -10.56 -28.44
N ALA B 23 -15.05 -10.12 -29.46
CA ALA B 23 -15.41 -10.96 -30.60
C ALA B 23 -14.49 -10.62 -31.77
N ALA B 24 -13.67 -11.58 -32.17
CA ALA B 24 -12.76 -11.41 -33.29
C ALA B 24 -13.39 -11.91 -34.57
N SER B 25 -13.29 -11.11 -35.63
CA SER B 25 -13.77 -11.51 -36.94
C SER B 25 -12.65 -11.32 -37.96
N ARG B 26 -12.86 -11.90 -39.13
CA ARG B 26 -11.95 -11.85 -40.27
C ARG B 26 -10.51 -12.09 -39.83
N LEU B 27 -10.33 -13.15 -39.03
CA LEU B 27 -9.00 -13.51 -38.53
C LEU B 27 -9.04 -14.93 -37.97
N THR B 28 -7.99 -15.69 -38.28
CA THR B 28 -7.82 -17.02 -37.70
C THR B 28 -7.46 -16.88 -36.23
N PHE B 29 -8.48 -16.90 -35.37
CA PHE B 29 -8.32 -16.51 -33.97
C PHE B 29 -7.45 -17.50 -33.19
N ARG B 30 -7.57 -18.79 -33.51
CA ARG B 30 -6.82 -19.81 -32.78
C ARG B 30 -5.31 -19.74 -33.02
N ASN B 31 -4.86 -18.94 -33.98
CA ASN B 31 -3.45 -18.86 -34.33
C ASN B 31 -2.68 -17.84 -33.51
N PHE B 32 -3.35 -16.94 -32.81
CA PHE B 32 -2.70 -15.80 -32.18
C PHE B 32 -2.96 -15.79 -30.68
N GLY B 33 -1.96 -15.34 -29.93
CA GLY B 33 -2.19 -14.95 -28.56
C GLY B 33 -2.92 -13.63 -28.48
N MET B 34 -3.67 -13.45 -27.39
CA MET B 34 -4.52 -12.28 -27.24
C MET B 34 -4.28 -11.65 -25.87
N HIS B 35 -4.31 -10.33 -25.84
CA HIS B 35 -4.06 -9.57 -24.63
C HIS B 35 -5.32 -8.79 -24.22
N TRP B 36 -5.30 -8.32 -22.98
CA TRP B 36 -6.21 -7.28 -22.51
C TRP B 36 -5.37 -6.10 -22.04
N VAL B 37 -5.72 -4.90 -22.48
CA VAL B 37 -5.01 -3.69 -22.12
C VAL B 37 -6.03 -2.68 -21.64
N ARG B 38 -5.76 -2.03 -20.51
CA ARG B 38 -6.69 -1.06 -19.95
C ARG B 38 -6.03 0.31 -19.84
N GLN B 39 -6.88 1.34 -19.75
CA GLN B 39 -6.44 2.73 -19.78
C GLN B 39 -7.25 3.51 -18.76
N THR B 40 -6.58 3.96 -17.69
CA THR B 40 -7.25 4.65 -16.60
C THR B 40 -7.62 6.08 -17.00
N PRO B 41 -8.51 6.73 -16.25
CA PRO B 41 -8.84 8.13 -16.54
C PRO B 41 -7.63 9.05 -16.62
N GLY B 42 -6.54 8.72 -15.93
CA GLY B 42 -5.30 9.44 -16.10
C GLY B 42 -4.64 9.26 -17.45
N LYS B 43 -5.27 8.50 -18.36
CA LYS B 43 -4.82 8.19 -19.71
C LYS B 43 -3.60 7.27 -19.74
N GLY B 44 -3.19 6.72 -18.60
CA GLY B 44 -2.06 5.81 -18.58
C GLY B 44 -2.46 4.43 -19.07
N LEU B 45 -1.64 3.87 -19.96
CA LEU B 45 -1.87 2.52 -20.46
C LEU B 45 -1.18 1.51 -19.56
N GLU B 46 -1.78 0.33 -19.43
CA GLU B 46 -1.21 -0.73 -18.61
C GLU B 46 -1.68 -2.08 -19.11
N TRP B 47 -0.73 -2.98 -19.33
CA TRP B 47 -1.04 -4.34 -19.77
C TRP B 47 -1.71 -5.11 -18.63
N VAL B 48 -2.74 -5.86 -18.97
CA VAL B 48 -3.53 -6.60 -17.98
C VAL B 48 -3.21 -8.09 -18.00
N ALA B 49 -3.29 -8.73 -19.17
CA ALA B 49 -3.10 -10.16 -19.24
C ALA B 49 -2.85 -10.59 -20.68
N VAL B 50 -2.29 -11.80 -20.82
CA VAL B 50 -2.11 -12.45 -22.12
C VAL B 50 -2.45 -13.92 -21.96
N ILE B 51 -3.12 -14.48 -22.96
CA ILE B 51 -3.40 -15.91 -23.02
C ILE B 51 -2.79 -16.45 -24.31
N TRP B 52 -2.24 -17.66 -24.23
CA TRP B 52 -1.61 -18.27 -25.39
C TRP B 52 -2.68 -18.72 -26.38
N HIS B 53 -2.22 -19.12 -27.58
CA HIS B 53 -3.13 -19.46 -28.66
C HIS B 53 -4.04 -20.64 -28.32
N ASP B 54 -3.68 -21.45 -27.34
CA ASP B 54 -4.46 -22.63 -26.97
C ASP B 54 -4.74 -22.64 -25.48
N GLY B 55 -4.66 -21.48 -24.83
CA GLY B 55 -4.87 -21.40 -23.39
C GLY B 55 -3.79 -22.13 -22.61
N SER B 56 -2.70 -22.49 -23.30
CA SER B 56 -1.63 -23.25 -22.66
C SER B 56 -1.00 -22.48 -21.52
N ASN B 57 -1.04 -21.15 -21.58
CA ASN B 57 -0.42 -20.33 -20.55
C ASN B 57 -1.23 -19.06 -20.37
N LYS B 58 -1.17 -18.51 -19.15
CA LYS B 58 -1.83 -17.26 -18.81
C LYS B 58 -0.90 -16.45 -17.94
N PHE B 59 -0.70 -15.19 -18.28
CA PHE B 59 0.14 -14.28 -17.51
C PHE B 59 -0.63 -13.00 -17.23
N TYR B 60 -0.40 -12.44 -16.04
CA TYR B 60 -1.22 -11.35 -15.53
C TYR B 60 -0.36 -10.21 -15.02
N ALA B 61 -0.91 -9.00 -15.09
CA ALA B 61 -0.27 -7.86 -14.47
C ALA B 61 -0.24 -8.05 -12.96
N ASP B 62 0.78 -7.46 -12.32
CA ASP B 62 0.93 -7.59 -10.88
C ASP B 62 -0.29 -7.08 -10.12
N SER B 63 -0.95 -6.04 -10.65
CA SER B 63 -2.04 -5.39 -9.93
C SER B 63 -3.36 -6.16 -10.00
N VAL B 64 -3.49 -7.16 -10.88
CA VAL B 64 -4.72 -7.92 -11.01
C VAL B 64 -4.51 -9.41 -10.79
N GLU B 65 -3.29 -9.85 -10.50
CA GLU B 65 -3.01 -11.26 -10.30
C GLU B 65 -3.83 -11.80 -9.14
N GLY B 66 -4.57 -12.87 -9.40
CA GLY B 66 -5.42 -13.48 -8.39
C GLY B 66 -6.84 -12.97 -8.34
N ARG B 67 -7.20 -12.02 -9.21
CA ARG B 67 -8.56 -11.47 -9.20
C ARG B 67 -9.15 -11.49 -10.60
N PHE B 68 -8.29 -11.35 -11.62
CA PHE B 68 -8.70 -11.41 -13.01
C PHE B 68 -8.38 -12.78 -13.58
N THR B 69 -9.23 -13.27 -14.48
CA THR B 69 -9.01 -14.55 -15.14
C THR B 69 -9.27 -14.36 -16.63
N ILE B 70 -8.26 -14.68 -17.44
CA ILE B 70 -8.35 -14.59 -18.89
C ILE B 70 -8.61 -15.99 -19.42
N SER B 71 -9.46 -16.08 -20.46
CA SER B 71 -9.81 -17.36 -21.06
C SER B 71 -10.30 -17.09 -22.47
N ARG B 72 -10.37 -18.16 -23.26
CA ARG B 72 -10.72 -18.02 -24.66
C ARG B 72 -11.46 -19.24 -25.15
N ASP B 73 -12.32 -19.03 -26.15
CA ASP B 73 -13.10 -20.08 -26.80
C ASP B 73 -12.84 -19.96 -28.29
N ASN B 74 -11.85 -20.71 -28.79
CA ASN B 74 -11.48 -20.61 -30.19
C ASN B 74 -12.62 -21.04 -31.11
N SER B 75 -13.42 -22.01 -30.67
CA SER B 75 -14.54 -22.47 -31.49
C SER B 75 -15.57 -21.36 -31.73
N LYS B 76 -15.55 -20.31 -30.92
CA LYS B 76 -16.45 -19.17 -31.09
C LYS B 76 -15.72 -17.89 -31.47
N ASN B 77 -14.39 -17.93 -31.59
CA ASN B 77 -13.59 -16.76 -31.94
C ASN B 77 -13.82 -15.61 -30.95
N THR B 78 -13.71 -15.93 -29.66
CA THR B 78 -14.02 -14.96 -28.62
C THR B 78 -13.01 -15.02 -27.48
N LEU B 79 -12.65 -13.86 -26.97
CA LEU B 79 -11.77 -13.71 -25.82
C LEU B 79 -12.60 -13.31 -24.60
N TYR B 80 -12.27 -13.88 -23.45
CA TYR B 80 -12.99 -13.62 -22.21
C TYR B 80 -12.06 -13.03 -21.17
N LEU B 81 -12.64 -12.28 -20.24
CA LEU B 81 -11.89 -11.75 -19.09
C LEU B 81 -12.84 -11.71 -17.90
N GLN B 82 -12.62 -12.60 -16.94
CA GLN B 82 -13.42 -12.64 -15.73
C GLN B 82 -12.75 -11.77 -14.67
N MET B 83 -13.44 -10.72 -14.24
CA MET B 83 -12.92 -9.75 -13.28
C MET B 83 -13.66 -9.91 -11.96
N ASN B 84 -12.93 -10.25 -10.90
CA ASN B 84 -13.50 -10.47 -9.58
C ASN B 84 -12.90 -9.48 -8.58
N SER B 85 -13.64 -9.26 -7.49
CA SER B 85 -13.22 -8.38 -6.40
C SER B 85 -12.75 -7.03 -6.93
N LEU B 86 -13.61 -6.38 -7.70
CA LEU B 86 -13.23 -5.15 -8.38
C LEU B 86 -13.02 -4.01 -7.39
N ARG B 87 -11.94 -3.27 -7.59
CA ARG B 87 -11.62 -2.09 -6.81
C ARG B 87 -11.83 -0.83 -7.64
N ASP B 88 -11.74 0.32 -6.99
CA ASP B 88 -11.81 1.59 -7.70
C ASP B 88 -10.66 1.74 -8.69
N GLU B 89 -9.51 1.14 -8.39
CA GLU B 89 -8.35 1.21 -9.27
C GLU B 89 -8.55 0.46 -10.57
N ASP B 90 -9.65 -0.30 -10.72
CA ASP B 90 -9.92 -1.03 -11.94
C ASP B 90 -10.78 -0.25 -12.92
N THR B 91 -11.33 0.89 -12.51
CA THR B 91 -12.09 1.74 -13.43
C THR B 91 -11.21 2.18 -14.59
N ALA B 92 -11.58 1.78 -15.79
CA ALA B 92 -10.75 2.04 -16.97
C ALA B 92 -11.53 1.64 -18.22
N ILE B 93 -10.96 2.00 -19.37
CA ILE B 93 -11.37 1.44 -20.65
C ILE B 93 -10.57 0.18 -20.88
N TYR B 94 -11.24 -0.91 -21.27
CA TYR B 94 -10.59 -2.20 -21.45
C TYR B 94 -10.62 -2.57 -22.94
N TYR B 95 -9.43 -2.64 -23.54
CA TYR B 95 -9.30 -3.10 -24.91
C TYR B 95 -8.79 -4.54 -24.94
N CYS B 96 -9.34 -5.33 -25.85
CA CYS B 96 -8.70 -6.57 -26.27
C CYS B 96 -7.75 -6.24 -27.42
N ALA B 97 -6.59 -6.89 -27.41
CA ALA B 97 -5.56 -6.58 -28.39
C ALA B 97 -4.99 -7.87 -28.95
N LYS B 98 -4.80 -7.89 -30.26
CA LYS B 98 -4.20 -9.05 -30.92
C LYS B 98 -2.68 -8.96 -30.86
N ASP B 99 -2.04 -10.04 -30.45
CA ASP B 99 -0.59 -10.10 -30.51
C ASP B 99 -0.14 -10.15 -31.96
N TRP B 100 0.96 -9.45 -32.25
CA TRP B 100 1.38 -9.26 -33.64
C TRP B 100 1.65 -10.57 -34.35
N GLY B 101 2.11 -11.59 -33.63
CA GLY B 101 2.42 -12.89 -34.19
C GLY B 101 3.90 -13.19 -34.26
N GLY B 102 4.75 -12.18 -34.19
CA GLY B 102 6.19 -12.41 -34.17
C GLY B 102 6.62 -13.11 -32.89
N ALA B 103 7.69 -13.89 -33.01
CA ALA B 103 8.15 -14.68 -31.88
C ALA B 103 8.71 -13.82 -30.75
N SER B 104 9.35 -12.70 -31.10
CA SER B 104 10.12 -11.93 -30.13
C SER B 104 9.52 -10.55 -29.85
N ASP B 105 8.35 -10.24 -30.39
CA ASP B 105 7.76 -8.90 -30.26
C ASP B 105 6.35 -9.00 -29.70
N ARG B 106 6.21 -8.69 -28.40
CA ARG B 106 4.88 -8.61 -27.77
C ARG B 106 4.32 -7.22 -28.03
N VAL B 107 3.75 -7.05 -29.22
CA VAL B 107 3.21 -5.77 -29.64
C VAL B 107 1.80 -5.99 -30.18
N PHE B 108 0.99 -4.94 -30.12
CA PHE B 108 -0.44 -5.04 -30.41
C PHE B 108 -0.72 -4.27 -31.70
N ASP B 109 -0.95 -5.02 -32.79
CA ASP B 109 -1.22 -4.42 -34.08
C ASP B 109 -2.69 -4.05 -34.26
N TYR B 110 -3.59 -4.81 -33.64
CA TYR B 110 -5.02 -4.57 -33.77
C TYR B 110 -5.64 -4.44 -32.39
N TRP B 111 -6.53 -3.46 -32.24
CA TRP B 111 -7.25 -3.24 -31.00
C TRP B 111 -8.75 -3.21 -31.27
N GLY B 112 -9.52 -3.46 -30.22
CA GLY B 112 -10.94 -3.20 -30.28
C GLY B 112 -11.24 -1.75 -29.93
N ARG B 113 -12.50 -1.36 -30.18
CA ARG B 113 -12.92 -0.01 -29.85
C ARG B 113 -12.75 0.28 -28.36
N GLY B 114 -12.91 -0.73 -27.53
CA GLY B 114 -12.83 -0.58 -26.09
C GLY B 114 -14.19 -0.68 -25.42
N THR B 115 -14.15 -0.97 -24.12
CA THR B 115 -15.36 -0.99 -23.31
C THR B 115 -15.03 -0.40 -21.95
N LEU B 116 -15.93 0.44 -21.44
CA LEU B 116 -15.68 1.16 -20.20
C LEU B 116 -16.28 0.40 -19.03
N VAL B 117 -15.49 0.22 -17.98
CA VAL B 117 -15.93 -0.40 -16.74
C VAL B 117 -15.75 0.63 -15.62
N ILE B 118 -16.84 0.97 -14.95
CA ILE B 118 -16.82 1.93 -13.86
C ILE B 118 -17.15 1.17 -12.57
N VAL B 119 -16.24 1.27 -11.59
CA VAL B 119 -16.43 0.64 -10.29
C VAL B 119 -16.88 1.73 -9.33
N SER B 120 -18.16 1.68 -8.95
CA SER B 120 -18.73 2.77 -8.17
C SER B 120 -19.94 2.27 -7.41
N SER B 121 -20.10 2.75 -6.17
CA SER B 121 -21.30 2.50 -5.39
C SER B 121 -22.44 3.45 -5.75
N ALA B 122 -22.17 4.47 -6.55
CA ALA B 122 -23.17 5.48 -6.88
C ALA B 122 -24.28 4.89 -7.75
N SER B 123 -25.46 5.48 -7.64
CA SER B 123 -26.61 5.11 -8.44
C SER B 123 -26.84 6.16 -9.53
N THR B 124 -27.64 5.77 -10.52
CA THR B 124 -27.96 6.66 -11.62
C THR B 124 -28.67 7.91 -11.10
N LYS B 125 -28.09 9.08 -11.34
CA LYS B 125 -28.62 10.34 -10.86
C LYS B 125 -28.60 11.38 -11.98
N GLY B 126 -29.70 12.12 -12.11
CA GLY B 126 -29.76 13.23 -13.03
C GLY B 126 -29.10 14.46 -12.45
N PRO B 127 -28.53 15.28 -13.31
CA PRO B 127 -27.78 16.45 -12.83
C PRO B 127 -28.68 17.61 -12.44
N SER B 128 -28.17 18.43 -11.53
CA SER B 128 -28.74 19.73 -11.23
C SER B 128 -27.95 20.77 -12.02
N VAL B 129 -28.65 21.61 -12.77
CA VAL B 129 -28.01 22.63 -13.61
C VAL B 129 -28.19 23.97 -12.94
N PHE B 130 -27.07 24.59 -12.55
CA PHE B 130 -27.02 25.89 -11.91
C PHE B 130 -26.43 26.93 -12.86
N PRO B 131 -27.01 28.12 -12.92
CA PRO B 131 -26.51 29.14 -13.85
C PRO B 131 -25.28 29.85 -13.31
N LEU B 132 -24.41 30.24 -14.23
CA LEU B 132 -23.25 31.07 -13.94
C LEU B 132 -23.51 32.44 -14.56
N ALA B 133 -24.00 33.37 -13.75
CA ALA B 133 -24.56 34.62 -14.25
C ALA B 133 -23.45 35.59 -14.63
N PRO B 134 -23.53 36.23 -15.80
CA PRO B 134 -22.53 37.26 -16.15
C PRO B 134 -22.67 38.47 -15.25
N SER B 135 -21.53 39.01 -14.84
CA SER B 135 -21.51 40.13 -13.90
C SER B 135 -21.79 41.45 -14.61
N GLY B 142 -15.90 44.52 -22.81
CA GLY B 142 -16.78 44.36 -23.95
C GLY B 142 -17.24 42.94 -24.16
N THR B 143 -16.56 41.99 -23.52
CA THR B 143 -16.85 40.57 -23.65
C THR B 143 -17.29 40.03 -22.29
N ALA B 144 -18.48 39.42 -22.26
CA ALA B 144 -19.04 38.85 -21.05
C ALA B 144 -18.91 37.33 -21.08
N ALA B 145 -18.93 36.74 -19.88
CA ALA B 145 -18.85 35.29 -19.73
C ALA B 145 -20.06 34.82 -18.93
N LEU B 146 -20.69 33.75 -19.41
CA LEU B 146 -21.81 33.12 -18.73
C LEU B 146 -21.70 31.62 -18.96
N GLY B 147 -22.46 30.85 -18.20
CA GLY B 147 -22.39 29.41 -18.37
C GLY B 147 -23.37 28.69 -17.47
N CYS B 148 -23.24 27.37 -17.48
CA CYS B 148 -24.09 26.48 -16.69
C CYS B 148 -23.20 25.50 -15.95
N LEU B 149 -23.45 25.33 -14.65
CA LEU B 149 -22.73 24.39 -13.82
C LEU B 149 -23.57 23.13 -13.69
N VAL B 150 -23.12 22.04 -14.33
CA VAL B 150 -23.84 20.78 -14.36
C VAL B 150 -23.22 19.89 -13.29
N LYS B 151 -23.97 19.63 -12.22
CA LYS B 151 -23.41 19.05 -11.00
C LYS B 151 -24.19 17.83 -10.56
N ASP B 152 -23.47 16.89 -9.94
CA ASP B 152 -24.04 15.75 -9.22
C ASP B 152 -24.85 14.84 -10.15
N TYR B 153 -24.15 14.23 -11.10
CA TYR B 153 -24.77 13.27 -11.99
C TYR B 153 -23.89 12.04 -12.12
N PHE B 154 -24.52 10.91 -12.45
CA PHE B 154 -23.82 9.65 -12.63
C PHE B 154 -24.71 8.73 -13.44
N PRO B 155 -24.18 8.01 -14.44
CA PRO B 155 -22.77 8.10 -14.85
C PRO B 155 -22.56 9.08 -15.99
N GLU B 156 -21.32 9.19 -16.47
CA GLU B 156 -21.06 9.97 -17.66
C GLU B 156 -21.76 9.32 -18.86
N PRO B 157 -22.10 10.11 -19.90
CA PRO B 157 -21.86 11.55 -20.01
C PRO B 157 -23.14 12.39 -20.03
N VAL B 158 -22.97 13.71 -20.01
CA VAL B 158 -24.02 14.65 -20.37
C VAL B 158 -23.57 15.41 -21.61
N THR B 159 -24.54 16.01 -22.29
CA THR B 159 -24.28 16.82 -23.47
C THR B 159 -24.99 18.15 -23.29
N VAL B 160 -24.25 19.25 -23.49
CA VAL B 160 -24.79 20.59 -23.32
C VAL B 160 -24.78 21.29 -24.68
N SER B 161 -25.89 21.92 -25.01
CA SER B 161 -25.99 22.82 -26.15
C SER B 161 -26.28 24.22 -25.63
N TRP B 162 -26.20 25.21 -26.51
CA TRP B 162 -26.57 26.57 -26.17
C TRP B 162 -27.54 27.08 -27.21
N ASN B 163 -28.70 27.56 -26.75
CA ASN B 163 -29.77 28.02 -27.62
C ASN B 163 -30.14 26.96 -28.65
N SER B 164 -30.25 25.70 -28.18
CA SER B 164 -30.61 24.56 -29.01
C SER B 164 -29.63 24.34 -30.15
N GLY B 165 -28.38 24.76 -29.96
CA GLY B 165 -27.34 24.60 -30.96
C GLY B 165 -27.08 25.82 -31.81
N ALA B 166 -27.97 26.82 -31.79
CA ALA B 166 -27.78 28.00 -32.63
C ALA B 166 -26.59 28.85 -32.18
N LEU B 167 -26.10 28.64 -30.97
CA LEU B 167 -24.95 29.36 -30.45
C LEU B 167 -23.82 28.37 -30.21
N THR B 168 -22.72 28.53 -30.93
CA THR B 168 -21.62 27.57 -30.85
C THR B 168 -20.28 28.28 -30.73
N SER B 169 -20.15 29.45 -31.34
CA SER B 169 -18.89 30.18 -31.31
C SER B 169 -18.64 30.71 -29.90
N GLY B 170 -17.44 30.41 -29.37
CA GLY B 170 -17.07 30.82 -28.04
C GLY B 170 -17.48 29.88 -26.93
N VAL B 171 -17.92 28.67 -27.26
CA VAL B 171 -18.41 27.72 -26.27
C VAL B 171 -17.27 26.83 -25.83
N HIS B 172 -17.05 26.76 -24.52
CA HIS B 172 -16.06 25.86 -23.92
C HIS B 172 -16.76 24.99 -22.90
N THR B 173 -16.96 23.72 -23.24
CA THR B 173 -17.51 22.73 -22.32
C THR B 173 -16.36 21.92 -21.74
N PHE B 174 -16.14 22.07 -20.45
CA PHE B 174 -15.00 21.42 -19.83
C PHE B 174 -15.29 19.94 -19.58
N PRO B 175 -14.25 19.11 -19.64
CA PRO B 175 -14.43 17.69 -19.26
C PRO B 175 -14.92 17.57 -17.83
N ALA B 176 -15.69 16.51 -17.59
CA ALA B 176 -16.25 16.28 -16.27
C ALA B 176 -15.14 15.91 -15.28
N VAL B 177 -15.36 16.24 -14.02
CA VAL B 177 -14.47 15.84 -12.95
C VAL B 177 -15.26 15.01 -11.94
N LEU B 178 -14.59 14.02 -11.36
CA LEU B 178 -15.19 13.15 -10.37
C LEU B 178 -14.99 13.75 -8.98
N GLN B 179 -16.08 13.85 -8.23
CA GLN B 179 -16.05 14.46 -6.90
C GLN B 179 -15.94 13.40 -5.81
N SER B 180 -15.59 13.86 -4.61
CA SER B 180 -15.46 12.95 -3.47
C SER B 180 -16.74 12.17 -3.22
N SER B 181 -17.89 12.74 -3.59
CA SER B 181 -19.17 12.06 -3.44
C SER B 181 -19.33 10.89 -4.40
N GLY B 182 -18.44 10.75 -5.39
CA GLY B 182 -18.60 9.75 -6.42
C GLY B 182 -19.47 10.17 -7.58
N LEU B 183 -19.91 11.42 -7.61
CA LEU B 183 -20.69 11.95 -8.72
C LEU B 183 -19.80 12.83 -9.59
N TYR B 184 -20.17 12.93 -10.86
CA TYR B 184 -19.47 13.79 -11.79
C TYR B 184 -20.09 15.18 -11.81
N SER B 185 -19.32 16.15 -12.29
CA SER B 185 -19.81 17.51 -12.45
C SER B 185 -18.93 18.21 -13.47
N LEU B 186 -19.54 19.08 -14.27
CA LEU B 186 -18.80 19.82 -15.28
C LEU B 186 -19.38 21.24 -15.40
N SER B 187 -18.63 22.07 -16.10
CA SER B 187 -19.05 23.42 -16.46
C SER B 187 -19.14 23.53 -17.98
N SER B 188 -19.94 24.49 -18.43
CA SER B 188 -19.97 24.88 -19.82
C SER B 188 -20.17 26.39 -19.86
N VAL B 189 -19.25 27.10 -20.51
CA VAL B 189 -19.27 28.55 -20.54
C VAL B 189 -19.27 29.03 -21.98
N VAL B 190 -19.53 30.32 -22.15
CA VAL B 190 -19.54 30.95 -23.47
C VAL B 190 -19.25 32.44 -23.27
N THR B 191 -18.40 32.98 -24.13
CA THR B 191 -18.10 34.39 -24.13
C THR B 191 -18.92 35.08 -25.20
N VAL B 192 -19.66 36.11 -24.81
CA VAL B 192 -20.55 36.84 -25.71
C VAL B 192 -20.26 38.33 -25.57
N PRO B 193 -20.73 39.17 -26.48
CA PRO B 193 -20.60 40.63 -26.27
C PRO B 193 -21.50 41.09 -25.14
N SER B 194 -20.96 41.98 -24.31
CA SER B 194 -21.76 42.56 -23.22
C SER B 194 -22.90 43.42 -23.75
N SER B 195 -22.84 43.82 -25.03
CA SER B 195 -23.94 44.56 -25.63
C SER B 195 -25.20 43.71 -25.76
N SER B 196 -25.08 42.39 -25.69
CA SER B 196 -26.18 41.47 -25.94
C SER B 196 -26.80 40.92 -24.66
N LEU B 197 -26.40 41.44 -23.49
CA LEU B 197 -26.87 40.84 -22.23
C LEU B 197 -28.36 41.11 -22.01
N GLY B 198 -28.81 42.33 -22.30
CA GLY B 198 -30.21 42.65 -22.10
C GLY B 198 -31.06 42.31 -23.31
N THR B 199 -30.42 42.09 -24.45
CA THR B 199 -31.14 41.84 -25.70
C THR B 199 -31.32 40.35 -25.98
N GLN B 200 -30.24 39.58 -25.92
CA GLN B 200 -30.23 38.19 -26.35
C GLN B 200 -30.41 37.25 -25.18
N THR B 201 -31.26 36.24 -25.35
CA THR B 201 -31.50 35.24 -24.33
C THR B 201 -30.56 34.06 -24.53
N TYR B 202 -30.00 33.57 -23.42
CA TYR B 202 -29.05 32.46 -23.44
C TYR B 202 -29.57 31.33 -22.57
N ILE B 203 -29.76 30.17 -23.19
CA ILE B 203 -30.27 28.99 -22.51
C ILE B 203 -29.35 27.82 -22.84
N CYS B 204 -28.93 27.08 -21.82
CA CYS B 204 -28.14 25.87 -22.00
C CYS B 204 -29.05 24.65 -21.94
N ASN B 205 -28.85 23.73 -22.88
CA ASN B 205 -29.66 22.53 -23.00
C ASN B 205 -28.83 21.34 -22.52
N VAL B 206 -29.18 20.82 -21.36
CA VAL B 206 -28.45 19.72 -20.74
C VAL B 206 -29.26 18.44 -20.91
N ASN B 207 -28.57 17.35 -21.29
CA ASN B 207 -29.21 16.07 -21.48
C ASN B 207 -28.35 14.97 -20.89
N HIS B 208 -28.94 14.13 -20.04
CA HIS B 208 -28.29 12.99 -19.41
C HIS B 208 -29.11 11.77 -19.76
N LYS B 209 -28.72 11.08 -20.84
CA LYS B 209 -29.50 9.93 -21.31
C LYS B 209 -29.59 8.78 -20.31
N PRO B 210 -28.58 8.48 -19.48
CA PRO B 210 -28.80 7.48 -18.42
C PRO B 210 -29.89 7.85 -17.44
N SER B 211 -30.22 9.12 -17.28
CA SER B 211 -31.32 9.55 -16.43
C SER B 211 -32.57 9.91 -17.21
N ASN B 212 -32.49 9.96 -18.55
CA ASN B 212 -33.59 10.45 -19.38
C ASN B 212 -34.02 11.85 -18.96
N THR B 213 -33.05 12.67 -18.57
CA THR B 213 -33.30 14.02 -18.08
C THR B 213 -32.86 15.04 -19.12
N LYS B 214 -33.78 15.93 -19.49
CA LYS B 214 -33.49 17.05 -20.37
C LYS B 214 -33.87 18.33 -19.64
N VAL B 215 -32.91 19.25 -19.50
CA VAL B 215 -33.08 20.46 -18.72
C VAL B 215 -32.71 21.66 -19.57
N ASP B 216 -33.57 22.68 -19.56
CA ASP B 216 -33.28 23.97 -20.17
C ASP B 216 -33.17 25.01 -19.06
N LYS B 217 -32.04 25.71 -19.01
CA LYS B 217 -31.78 26.70 -17.97
C LYS B 217 -31.43 28.03 -18.62
N LYS B 218 -32.24 29.05 -18.34
CA LYS B 218 -31.97 30.39 -18.82
C LYS B 218 -30.94 31.08 -17.92
N VAL B 219 -29.88 31.60 -18.53
CA VAL B 219 -28.84 32.32 -17.80
C VAL B 219 -29.10 33.82 -18.00
N GLU B 220 -29.51 34.49 -16.95
CA GLU B 220 -29.88 35.89 -17.07
C GLU B 220 -28.87 36.79 -16.36
N PRO B 221 -28.71 38.03 -16.83
CA PRO B 221 -27.65 38.89 -16.30
C PRO B 221 -27.91 39.30 -14.85
N LYS B 222 -26.82 39.71 -14.19
CA LYS B 222 -26.85 40.10 -12.79
C LYS B 222 -26.73 41.62 -12.66
N SER B 223 -27.26 42.15 -11.58
CA SER B 223 -27.20 43.59 -11.31
C SER B 223 -25.83 43.97 -10.75
N ASP C 1 27.48 -14.86 5.06
CA ASP C 1 26.34 -14.06 4.63
C ASP C 1 26.52 -12.59 5.01
N ILE C 2 25.58 -11.76 4.60
CA ILE C 2 25.63 -10.33 4.86
C ILE C 2 24.81 -10.03 6.10
N GLN C 3 25.37 -9.22 7.00
CA GLN C 3 24.73 -8.85 8.25
C GLN C 3 24.04 -7.50 8.05
N MET C 4 22.74 -7.46 8.32
CA MET C 4 21.94 -6.24 8.26
C MET C 4 21.67 -5.76 9.69
N THR C 5 22.13 -4.56 10.00
CA THR C 5 21.94 -3.96 11.32
C THR C 5 21.12 -2.69 11.19
N GLN C 6 20.01 -2.63 11.92
CA GLN C 6 19.11 -1.48 11.89
C GLN C 6 19.35 -0.57 13.08
N SER C 7 19.19 0.73 12.86
CA SER C 7 19.38 1.74 13.88
C SER C 7 18.19 2.69 13.88
N PRO C 8 17.53 2.92 15.02
CA PRO C 8 17.77 2.19 16.27
C PRO C 8 16.85 0.97 16.36
N SER C 9 16.89 0.25 17.48
CA SER C 9 15.97 -0.87 17.66
C SER C 9 14.59 -0.42 18.14
N THR C 10 14.49 0.74 18.78
CA THR C 10 13.21 1.28 19.23
C THR C 10 13.21 2.79 19.03
N LEU C 11 12.29 3.29 18.22
CA LEU C 11 12.18 4.73 17.95
C LEU C 11 10.88 5.25 18.54
N SER C 12 10.99 6.29 19.37
CA SER C 12 9.85 6.94 20.00
C SER C 12 9.40 8.11 19.13
N ALA C 13 8.10 8.18 18.85
CA ALA C 13 7.59 9.26 18.01
C ALA C 13 6.10 9.48 18.26
N SER C 14 5.63 10.64 17.82
CA SER C 14 4.24 11.06 17.92
C SER C 14 3.64 11.23 16.53
N VAL C 15 2.31 11.08 16.46
CA VAL C 15 1.61 11.24 15.19
C VAL C 15 1.87 12.63 14.63
N GLY C 16 2.25 12.69 13.35
CA GLY C 16 2.62 13.92 12.69
C GLY C 16 4.12 14.12 12.53
N ASP C 17 4.92 13.49 13.39
CA ASP C 17 6.36 13.65 13.31
C ASP C 17 6.91 12.96 12.06
N ARG C 18 8.15 13.30 11.73
CA ARG C 18 8.88 12.69 10.62
C ARG C 18 9.94 11.78 11.21
N VAL C 19 9.90 10.49 10.86
CA VAL C 19 10.77 9.49 11.46
C VAL C 19 11.64 8.88 10.36
N THR C 20 12.90 8.59 10.71
CA THR C 20 13.83 7.94 9.80
C THR C 20 14.56 6.84 10.56
N ILE C 21 14.57 5.64 10.01
CA ILE C 21 15.32 4.52 10.59
C ILE C 21 16.38 4.10 9.60
N THR C 22 17.51 3.62 10.12
CA THR C 22 18.68 3.31 9.32
C THR C 22 18.90 1.80 9.25
N CYS C 23 19.38 1.34 8.09
CA CYS C 23 19.77 -0.05 7.89
C CYS C 23 21.19 -0.06 7.32
N ARG C 24 22.08 -0.83 7.94
CA ARG C 24 23.47 -0.92 7.53
C ARG C 24 23.85 -2.35 7.20
N ALA C 25 24.55 -2.52 6.08
CA ALA C 25 24.94 -3.84 5.58
C ALA C 25 26.44 -4.04 5.77
N SER C 26 26.84 -5.29 6.05
CA SER C 26 28.25 -5.58 6.29
C SER C 26 29.08 -5.56 5.00
N GLN C 27 28.44 -5.72 3.84
CA GLN C 27 29.11 -5.50 2.56
C GLN C 27 28.10 -4.87 1.61
N SER C 28 28.60 -4.37 0.49
CA SER C 28 27.74 -3.58 -0.40
C SER C 28 26.63 -4.43 -0.99
N VAL C 29 25.44 -3.82 -1.10
CA VAL C 29 24.28 -4.46 -1.72
C VAL C 29 23.75 -3.66 -2.90
N SER C 30 24.37 -2.52 -3.23
CA SER C 30 23.94 -1.66 -4.34
C SER C 30 22.56 -1.12 -3.98
N THR C 31 21.51 -1.38 -4.76
CA THR C 31 20.16 -0.93 -4.47
C THR C 31 19.23 -2.08 -4.18
N SER C 32 19.76 -3.29 -4.04
CA SER C 32 18.95 -4.51 -3.87
C SER C 32 18.49 -4.63 -2.42
N LEU C 33 17.58 -3.74 -2.04
CA LEU C 33 17.17 -3.65 -0.65
C LEU C 33 15.67 -3.34 -0.57
N ALA C 34 15.01 -3.99 0.37
CA ALA C 34 13.57 -3.84 0.56
C ALA C 34 13.26 -3.56 2.03
N TRP C 35 12.14 -2.90 2.26
CA TRP C 35 11.64 -2.60 3.60
C TRP C 35 10.28 -3.24 3.79
N TYR C 36 10.04 -3.79 4.98
CA TYR C 36 8.78 -4.44 5.31
C TYR C 36 8.20 -3.84 6.58
N GLN C 37 6.87 -3.87 6.67
CA GLN C 37 6.16 -3.50 7.88
C GLN C 37 5.46 -4.73 8.44
N GLN C 38 5.56 -4.92 9.75
CA GLN C 38 4.90 -6.04 10.40
C GLN C 38 4.21 -5.59 11.67
N LYS C 39 2.99 -6.07 11.88
CA LYS C 39 2.18 -5.80 13.05
C LYS C 39 1.91 -7.10 13.80
N PRO C 40 1.81 -7.04 15.13
CA PRO C 40 1.80 -8.28 15.92
C PRO C 40 0.72 -9.27 15.48
N GLY C 41 1.13 -10.53 15.31
CA GLY C 41 0.23 -11.58 14.91
C GLY C 41 -0.02 -11.68 13.41
N LYS C 42 0.75 -10.98 12.60
CA LYS C 42 0.57 -10.99 11.15
C LYS C 42 1.92 -11.16 10.47
N ALA C 43 1.87 -11.50 9.19
CA ALA C 43 3.06 -11.57 8.37
C ALA C 43 3.50 -10.16 7.96
N PRO C 44 4.76 -10.01 7.53
CA PRO C 44 5.22 -8.69 7.09
C PRO C 44 4.47 -8.19 5.86
N ASN C 45 4.61 -6.90 5.61
CA ASN C 45 3.99 -6.25 4.45
C ASN C 45 5.05 -5.43 3.72
N LEU C 46 5.08 -5.57 2.40
CA LEU C 46 6.11 -4.92 1.59
C LEU C 46 5.82 -3.43 1.46
N LEU C 47 6.84 -2.61 1.65
CA LEU C 47 6.72 -1.16 1.52
C LEU C 47 7.58 -0.61 0.40
N ILE C 48 8.89 -0.87 0.41
CA ILE C 48 9.82 -0.33 -0.56
C ILE C 48 10.67 -1.47 -1.12
N TYR C 49 10.98 -1.39 -2.40
CA TYR C 49 11.93 -2.31 -3.03
C TYR C 49 12.88 -1.51 -3.92
N GLN C 50 14.02 -2.12 -4.23
CA GLN C 50 15.07 -1.46 -4.99
C GLN C 50 15.47 -0.15 -4.32
N ALA C 51 15.58 -0.19 -3.00
CA ALA C 51 16.04 0.91 -2.15
C ALA C 51 15.02 2.04 -1.99
N SER C 52 14.37 2.45 -3.09
CA SER C 52 13.58 3.69 -3.04
C SER C 52 12.23 3.62 -3.76
N THR C 53 11.86 2.50 -4.37
CA THR C 53 10.62 2.43 -5.13
C THR C 53 9.47 1.98 -4.23
N LEU C 54 8.39 2.76 -4.23
CA LEU C 54 7.22 2.44 -3.43
C LEU C 54 6.46 1.25 -4.02
N TYR C 55 6.12 0.28 -3.20
CA TYR C 55 5.27 -0.82 -3.62
C TYR C 55 3.84 -0.32 -3.83
N ARG C 56 3.12 -0.98 -4.73
CA ARG C 56 1.77 -0.54 -5.06
C ARG C 56 0.87 -0.59 -3.83
N GLY C 57 0.01 0.42 -3.70
CA GLY C 57 -0.93 0.49 -2.60
C GLY C 57 -0.36 1.00 -1.29
N VAL C 58 0.94 1.27 -1.22
CA VAL C 58 1.55 1.81 -0.01
C VAL C 58 1.38 3.33 -0.01
N PRO C 59 0.99 3.93 1.11
CA PRO C 59 0.76 5.38 1.12
C PRO C 59 2.03 6.16 0.78
N SER C 60 1.84 7.32 0.15
CA SER C 60 2.95 8.10 -0.36
C SER C 60 3.86 8.65 0.73
N ARG C 61 3.42 8.63 1.99
CA ARG C 61 4.22 9.17 3.08
C ARG C 61 5.40 8.27 3.44
N PHE C 62 5.51 7.10 2.82
CA PHE C 62 6.69 6.25 2.98
C PHE C 62 7.68 6.55 1.87
N SER C 63 8.95 6.73 2.25
CA SER C 63 10.01 6.94 1.28
C SER C 63 11.25 6.18 1.72
N GLY C 64 12.17 6.01 0.78
CA GLY C 64 13.40 5.27 1.05
C GLY C 64 14.53 5.79 0.20
N SER C 65 15.74 5.65 0.71
CA SER C 65 16.92 6.12 0.00
C SER C 65 18.13 5.30 0.42
N GLY C 66 19.24 5.54 -0.25
CA GLY C 66 20.50 4.89 0.05
C GLY C 66 21.00 4.05 -1.11
N SER C 67 22.23 3.57 -0.93
CA SER C 67 22.91 2.70 -1.90
C SER C 67 24.22 2.24 -1.28
N GLY C 68 24.61 1.02 -1.61
CA GLY C 68 25.83 0.46 -1.07
C GLY C 68 25.63 -0.21 0.27
N THR C 69 25.98 0.47 1.36
CA THR C 69 25.93 -0.13 2.68
C THR C 69 25.06 0.62 3.69
N GLU C 70 24.47 1.76 3.33
CA GLU C 70 23.61 2.49 4.26
C GLU C 70 22.31 2.89 3.57
N PHE C 71 21.20 2.57 4.21
CA PHE C 71 19.86 2.84 3.69
C PHE C 71 18.99 3.40 4.81
N THR C 72 18.02 4.23 4.43
CA THR C 72 17.10 4.79 5.40
C THR C 72 15.67 4.69 4.89
N LEU C 73 14.77 4.27 5.77
CA LEU C 73 13.34 4.36 5.55
C LEU C 73 12.81 5.58 6.29
N THR C 74 11.95 6.35 5.62
CA THR C 74 11.44 7.59 6.16
C THR C 74 9.92 7.62 6.04
N ILE C 75 9.24 8.00 7.11
CA ILE C 75 7.81 8.24 7.11
C ILE C 75 7.61 9.74 7.22
N GLY C 76 7.09 10.35 6.16
CA GLY C 76 7.02 11.81 6.10
C GLY C 76 6.29 12.42 7.28
N SER C 77 5.16 11.83 7.66
CA SER C 77 4.39 12.30 8.81
C SER C 77 3.57 11.13 9.34
N LEU C 78 3.81 10.75 10.59
CA LEU C 78 3.25 9.52 11.14
C LEU C 78 1.74 9.58 11.23
N GLN C 79 1.12 8.41 11.05
CA GLN C 79 -0.29 8.17 11.29
C GLN C 79 -0.42 7.07 12.35
N PRO C 80 -1.57 6.97 13.02
CA PRO C 80 -1.73 5.90 14.02
C PRO C 80 -1.43 4.52 13.46
N ASP C 81 -1.77 4.25 12.20
CA ASP C 81 -1.52 2.96 11.59
C ASP C 81 -0.04 2.66 11.42
N ASP C 82 0.84 3.64 11.53
CA ASP C 82 2.25 3.46 11.22
C ASP C 82 3.06 2.92 12.40
N PHE C 83 2.45 2.73 13.56
CA PHE C 83 3.16 2.15 14.70
C PHE C 83 3.21 0.64 14.54
N ALA C 84 4.43 0.10 14.42
CA ALA C 84 4.66 -1.31 14.17
C ALA C 84 6.15 -1.61 14.16
N THR C 85 6.54 -2.72 13.55
CA THR C 85 7.94 -3.11 13.44
C THR C 85 8.34 -3.14 11.97
N TYR C 86 9.54 -2.64 11.68
CA TYR C 86 10.01 -2.50 10.31
C TYR C 86 11.33 -3.24 10.13
N TYR C 87 11.41 -4.03 9.07
CA TYR C 87 12.58 -4.83 8.74
C TYR C 87 13.12 -4.40 7.38
N CYS C 88 14.45 -4.32 7.28
CA CYS C 88 15.09 -4.22 5.98
C CYS C 88 15.52 -5.60 5.52
N GLN C 89 15.54 -5.80 4.21
CA GLN C 89 15.96 -7.06 3.61
C GLN C 89 16.72 -6.76 2.33
N HIS C 90 17.86 -7.41 2.17
CA HIS C 90 18.64 -7.30 0.95
C HIS C 90 18.42 -8.54 0.07
N TYR C 91 18.71 -8.38 -1.21
CA TYR C 91 18.71 -9.50 -2.14
C TYR C 91 19.86 -9.32 -3.14
N ASN C 92 21.03 -8.97 -2.61
CA ASN C 92 22.21 -8.71 -3.43
C ASN C 92 22.57 -9.94 -4.25
N SER C 93 23.05 -9.69 -5.47
CA SER C 93 23.42 -10.79 -6.37
C SER C 93 24.52 -11.65 -5.73
N TYR C 94 24.32 -12.97 -5.80
CA TYR C 94 25.27 -13.94 -5.25
C TYR C 94 25.47 -13.76 -3.76
N SER C 95 24.41 -13.37 -3.05
CA SER C 95 24.42 -13.25 -1.60
C SER C 95 23.06 -13.70 -1.08
N ARG C 96 23.06 -14.63 -0.13
CA ARG C 96 21.82 -15.20 0.37
C ARG C 96 21.04 -14.17 1.18
N ILE C 97 19.71 -14.17 0.99
CA ILE C 97 18.86 -13.16 1.60
C ILE C 97 19.02 -13.19 3.12
N THR C 98 19.18 -12.00 3.71
CA THR C 98 19.14 -11.83 5.16
C THR C 98 18.31 -10.60 5.49
N PHE C 99 17.80 -10.57 6.71
CA PHE C 99 16.97 -9.48 7.20
C PHE C 99 17.66 -8.76 8.36
N GLY C 100 17.31 -7.49 8.54
CA GLY C 100 17.67 -6.81 9.76
C GLY C 100 16.90 -7.36 10.96
N GLN C 101 17.38 -7.02 12.15
CA GLN C 101 16.71 -7.49 13.37
C GLN C 101 15.41 -6.75 13.63
N GLY C 102 15.15 -5.66 12.93
CA GLY C 102 13.89 -4.96 13.08
C GLY C 102 14.01 -3.73 13.96
N THR C 103 13.15 -2.74 13.69
CA THR C 103 13.04 -1.54 14.50
C THR C 103 11.61 -1.41 14.99
N ARG C 104 11.44 -1.21 16.28
CA ARG C 104 10.11 -1.04 16.88
C ARG C 104 9.77 0.44 16.95
N LEU C 105 8.63 0.81 16.37
CA LEU C 105 8.17 2.19 16.35
C LEU C 105 7.07 2.34 17.40
N GLU C 106 7.40 2.98 18.53
CA GLU C 106 6.49 3.15 19.64
C GLU C 106 5.97 4.58 19.70
N ILE C 107 4.84 4.74 20.40
CA ILE C 107 4.22 6.06 20.55
C ILE C 107 4.92 6.82 21.66
N LYS C 108 5.13 8.11 21.44
CA LYS C 108 5.76 8.95 22.45
C LYS C 108 4.72 9.40 23.47
N ARG C 109 5.14 9.44 24.74
CA ARG C 109 4.30 9.95 25.80
C ARG C 109 5.20 10.52 26.88
N THR C 110 4.60 11.27 27.81
CA THR C 110 5.38 11.86 28.89
C THR C 110 5.96 10.75 29.78
N VAL C 111 7.03 11.10 30.47
CA VAL C 111 7.74 10.13 31.29
C VAL C 111 6.87 9.72 32.47
N ALA C 112 6.78 8.42 32.71
CA ALA C 112 6.08 7.86 33.86
C ALA C 112 7.03 6.95 34.62
N ALA C 113 7.20 7.21 35.91
CA ALA C 113 8.09 6.41 36.72
C ALA C 113 7.47 5.06 37.04
N PRO C 114 8.27 4.01 37.14
CA PRO C 114 7.73 2.69 37.50
C PRO C 114 7.44 2.58 38.98
N SER C 115 6.38 1.84 39.28
CA SER C 115 6.10 1.39 40.65
C SER C 115 6.73 0.02 40.82
N VAL C 116 7.73 -0.08 41.69
CA VAL C 116 8.55 -1.27 41.82
C VAL C 116 8.07 -2.09 43.01
N PHE C 117 7.91 -3.39 42.79
CA PHE C 117 7.52 -4.33 43.84
C PHE C 117 8.44 -5.54 43.79
N ILE C 118 8.67 -6.13 44.96
CA ILE C 118 9.47 -7.34 45.08
C ILE C 118 8.66 -8.38 45.85
N PHE C 119 8.74 -9.63 45.41
CA PHE C 119 7.96 -10.70 46.00
C PHE C 119 8.89 -11.85 46.39
N PRO C 120 8.86 -12.29 47.64
CA PRO C 120 9.65 -13.46 48.04
C PRO C 120 9.02 -14.74 47.48
N PRO C 121 9.80 -15.81 47.37
CA PRO C 121 9.21 -17.09 46.95
C PRO C 121 8.20 -17.60 47.96
N SER C 122 7.07 -18.08 47.46
CA SER C 122 6.02 -18.59 48.33
C SER C 122 6.50 -19.82 49.09
N ASP C 123 5.72 -20.19 50.11
CA ASP C 123 6.10 -21.32 50.95
C ASP C 123 5.95 -22.66 50.22
N GLU C 124 5.02 -22.73 49.28
CA GLU C 124 4.80 -23.99 48.55
C GLU C 124 5.83 -24.19 47.45
N GLN C 125 6.36 -23.10 46.88
CA GLN C 125 7.41 -23.26 45.87
C GLN C 125 8.73 -23.70 46.50
N LEU C 126 9.01 -23.23 47.72
CA LEU C 126 10.22 -23.68 48.41
C LEU C 126 10.16 -25.18 48.69
N LYS C 127 8.98 -25.69 49.02
CA LYS C 127 8.81 -27.13 49.25
C LYS C 127 9.15 -27.97 48.03
N SER C 128 9.26 -27.37 46.85
CA SER C 128 9.70 -28.06 45.65
C SER C 128 11.20 -27.96 45.42
N GLY C 129 11.94 -27.29 46.30
CA GLY C 129 13.38 -27.19 46.17
C GLY C 129 13.87 -26.09 45.25
N THR C 130 12.99 -25.17 44.85
CA THR C 130 13.36 -24.10 43.94
C THR C 130 12.78 -22.79 44.46
N ALA C 131 13.57 -21.72 44.37
CA ALA C 131 13.17 -20.39 44.80
C ALA C 131 13.29 -19.42 43.64
N SER C 132 12.22 -18.67 43.38
CA SER C 132 12.18 -17.67 42.32
C SER C 132 11.68 -16.36 42.91
N VAL C 133 12.53 -15.35 42.94
CA VAL C 133 12.18 -14.02 43.43
C VAL C 133 11.82 -13.15 42.23
N VAL C 134 10.78 -12.33 42.39
CA VAL C 134 10.21 -11.58 41.28
C VAL C 134 10.28 -10.09 41.60
N CYS C 135 10.78 -9.31 40.65
CA CYS C 135 10.81 -7.86 40.72
C CYS C 135 9.86 -7.30 39.67
N LEU C 136 8.90 -6.49 40.10
CA LEU C 136 7.83 -6.03 39.23
C LEU C 136 7.93 -4.51 39.03
N LEU C 137 7.87 -4.08 37.77
CA LEU C 137 7.87 -2.67 37.39
C LEU C 137 6.62 -2.42 36.57
N ASN C 138 5.71 -1.60 37.09
CA ASN C 138 4.38 -1.44 36.53
C ASN C 138 4.19 -0.07 35.90
N ASN C 139 3.75 -0.06 34.65
CA ASN C 139 3.25 1.13 33.95
C ASN C 139 4.28 2.27 33.99
N PHE C 140 5.37 2.05 33.24
CA PHE C 140 6.43 3.03 33.14
C PHE C 140 6.69 3.39 31.68
N TYR C 141 7.34 4.53 31.50
CA TYR C 141 7.79 5.02 30.20
C TYR C 141 8.94 5.97 30.45
N PRO C 142 10.01 5.94 29.64
CA PRO C 142 10.17 5.10 28.44
C PRO C 142 10.53 3.65 28.75
N ARG C 143 10.83 2.90 27.69
CA ARG C 143 11.01 1.45 27.79
C ARG C 143 12.33 1.06 28.43
N GLU C 144 13.36 1.91 28.35
CA GLU C 144 14.67 1.56 28.89
C GLU C 144 14.63 1.53 30.41
N ALA C 145 14.93 0.37 30.99
CA ALA C 145 14.92 0.19 32.43
C ALA C 145 15.99 -0.82 32.82
N LYS C 146 16.87 -0.42 33.74
CA LYS C 146 17.92 -1.29 34.24
C LYS C 146 17.49 -1.87 35.58
N VAL C 147 17.40 -3.20 35.64
CA VAL C 147 17.06 -3.92 36.87
C VAL C 147 18.29 -4.72 37.28
N GLN C 148 18.86 -4.37 38.42
CA GLN C 148 20.05 -5.05 38.96
C GLN C 148 19.65 -5.76 40.24
N TRP C 149 19.89 -7.08 40.28
CA TRP C 149 19.64 -7.87 41.47
C TRP C 149 20.85 -7.82 42.39
N LYS C 150 20.60 -7.78 43.68
CA LYS C 150 21.67 -7.73 44.69
C LYS C 150 21.29 -8.65 45.84
N VAL C 151 21.98 -9.79 45.92
CA VAL C 151 21.79 -10.76 47.00
C VAL C 151 22.90 -10.54 48.01
N ASP C 152 22.53 -10.19 49.24
CA ASP C 152 23.49 -9.83 50.29
C ASP C 152 24.38 -8.67 49.85
N ASN C 153 23.79 -7.72 49.13
CA ASN C 153 24.51 -6.58 48.55
C ASN C 153 25.67 -7.04 47.68
N ALA C 154 25.45 -8.13 46.94
CA ALA C 154 26.39 -8.62 45.94
C ALA C 154 25.65 -8.69 44.61
N LEU C 155 26.13 -7.94 43.63
CA LEU C 155 25.44 -7.83 42.35
C LEU C 155 25.41 -9.19 41.65
N GLN C 156 24.20 -9.65 41.33
CA GLN C 156 24.02 -10.93 40.66
C GLN C 156 24.18 -10.76 39.15
N SER C 157 24.31 -11.89 38.45
CA SER C 157 24.45 -11.89 37.01
C SER C 157 24.23 -13.30 36.49
N GLY C 158 23.42 -13.43 35.44
CA GLY C 158 23.23 -14.70 34.77
C GLY C 158 22.26 -15.65 35.43
N ASN C 159 21.62 -15.26 36.53
CA ASN C 159 20.66 -16.11 37.22
C ASN C 159 19.26 -15.50 37.22
N SER C 160 18.95 -14.61 36.27
CA SER C 160 17.65 -13.97 36.20
C SER C 160 17.19 -13.90 34.75
N GLN C 161 15.91 -13.59 34.58
CA GLN C 161 15.32 -13.42 33.25
C GLN C 161 14.25 -12.34 33.33
N GLU C 162 14.16 -11.54 32.27
CA GLU C 162 13.25 -10.40 32.22
C GLU C 162 12.15 -10.63 31.20
N SER C 163 10.96 -10.17 31.51
CA SER C 163 9.80 -10.24 30.62
C SER C 163 9.10 -8.89 30.61
N VAL C 164 8.90 -8.35 29.41
CA VAL C 164 8.30 -7.02 29.24
C VAL C 164 7.11 -7.14 28.29
N THR C 165 6.03 -6.46 28.64
CA THR C 165 4.84 -6.42 27.81
C THR C 165 5.04 -5.48 26.63
N GLU C 166 4.12 -5.55 25.67
CA GLU C 166 4.08 -4.58 24.59
C GLU C 166 3.45 -3.28 25.09
N GLN C 167 3.68 -2.21 24.33
CA GLN C 167 3.18 -0.88 24.72
C GLN C 167 1.66 -0.91 24.85
N ASP C 168 1.18 -0.66 26.07
CA ASP C 168 -0.26 -0.78 26.35
C ASP C 168 -1.05 0.21 25.49
N SER C 169 -2.13 -0.29 24.89
CA SER C 169 -2.93 0.54 23.99
C SER C 169 -3.62 1.69 24.71
N LYS C 170 -3.85 1.56 26.01
CA LYS C 170 -4.65 2.55 26.74
C LYS C 170 -3.82 3.74 27.22
N ASP C 171 -2.65 3.49 27.78
CA ASP C 171 -1.81 4.56 28.32
C ASP C 171 -0.39 4.56 27.76
N SER C 172 -0.09 3.68 26.81
CA SER C 172 1.21 3.66 26.12
C SER C 172 2.37 3.47 27.09
N THR C 173 2.16 2.69 28.14
CA THR C 173 3.24 2.37 29.08
C THR C 173 3.71 0.95 28.88
N TYR C 174 4.80 0.61 29.57
CA TYR C 174 5.35 -0.73 29.57
C TYR C 174 5.33 -1.30 30.98
N SER C 175 5.47 -2.62 31.08
CA SER C 175 5.59 -3.29 32.36
C SER C 175 6.63 -4.39 32.24
N LEU C 176 7.52 -4.46 33.23
CA LEU C 176 8.64 -5.38 33.22
C LEU C 176 8.55 -6.32 34.41
N SER C 177 9.09 -7.54 34.24
CA SER C 177 9.10 -8.54 35.30
C SER C 177 10.40 -9.32 35.20
N SER C 178 11.27 -9.16 36.21
CA SER C 178 12.54 -9.87 36.28
C SER C 178 12.42 -11.00 37.30
N THR C 179 12.85 -12.19 36.92
CA THR C 179 12.72 -13.39 37.75
C THR C 179 14.10 -13.90 38.12
N LEU C 180 14.46 -13.79 39.40
CA LEU C 180 15.71 -14.34 39.91
C LEU C 180 15.43 -15.72 40.49
N THR C 181 16.02 -16.75 39.88
CA THR C 181 15.78 -18.13 40.25
C THR C 181 17.01 -18.74 40.90
N LEU C 182 16.85 -19.25 42.12
CA LEU C 182 17.95 -19.84 42.88
C LEU C 182 17.56 -21.23 43.34
N SER C 183 18.58 -21.99 43.77
CA SER C 183 18.34 -23.23 44.48
C SER C 183 17.76 -22.94 45.86
N LYS C 184 16.99 -23.91 46.38
CA LYS C 184 16.45 -23.76 47.73
C LYS C 184 17.58 -23.68 48.77
N ALA C 185 18.60 -24.52 48.61
CA ALA C 185 19.76 -24.46 49.50
C ALA C 185 20.52 -23.15 49.30
N ASP C 186 20.70 -22.73 48.04
CA ASP C 186 21.38 -21.47 47.77
C ASP C 186 20.55 -20.26 48.20
N TYR C 187 19.22 -20.40 48.28
CA TYR C 187 18.39 -19.28 48.69
C TYR C 187 18.49 -19.00 50.18
N GLU C 188 18.65 -20.04 50.98
CA GLU C 188 18.71 -19.90 52.43
C GLU C 188 20.13 -19.74 52.96
N LYS C 189 21.11 -19.58 52.07
CA LYS C 189 22.46 -19.18 52.46
C LYS C 189 22.65 -17.67 52.43
N HIS C 190 21.58 -16.91 52.23
CA HIS C 190 21.67 -15.46 52.10
C HIS C 190 20.48 -14.81 52.79
N LYS C 191 20.65 -13.55 53.16
CA LYS C 191 19.64 -12.81 53.90
C LYS C 191 18.96 -11.74 53.07
N VAL C 192 19.72 -10.82 52.47
CA VAL C 192 19.17 -9.66 51.81
C VAL C 192 18.97 -9.95 50.32
N TYR C 193 17.73 -9.80 49.85
CA TYR C 193 17.39 -9.95 48.44
C TYR C 193 16.74 -8.66 47.99
N ALA C 194 17.42 -7.93 47.09
CA ALA C 194 16.92 -6.65 46.62
C ALA C 194 17.12 -6.56 45.12
N CYS C 195 16.23 -5.82 44.46
CA CYS C 195 16.40 -5.43 43.06
C CYS C 195 16.45 -3.92 42.98
N GLU C 196 17.38 -3.41 42.18
CA GLU C 196 17.66 -1.99 42.07
C GLU C 196 17.21 -1.50 40.69
N VAL C 197 16.37 -0.49 40.66
CA VAL C 197 15.73 -0.02 39.43
C VAL C 197 16.30 1.34 39.06
N THR C 198 16.82 1.44 37.84
CA THR C 198 17.34 2.69 37.29
C THR C 198 16.46 3.11 36.12
N HIS C 199 15.81 4.27 36.23
CA HIS C 199 14.90 4.72 35.20
C HIS C 199 14.97 6.23 35.08
N GLN C 200 14.63 6.72 33.88
CA GLN C 200 14.69 8.16 33.62
C GLN C 200 13.72 8.94 34.49
N GLY C 201 12.63 8.31 34.92
CA GLY C 201 11.62 8.96 35.73
C GLY C 201 11.87 8.96 37.22
N LEU C 202 13.07 8.59 37.67
CA LEU C 202 13.38 8.54 39.09
C LEU C 202 14.63 9.37 39.36
N SER C 203 14.51 10.32 40.28
CA SER C 203 15.68 11.10 40.68
C SER C 203 16.75 10.22 41.28
N SER C 204 16.35 9.21 42.03
CA SER C 204 17.26 8.25 42.64
C SER C 204 17.03 6.87 42.04
N PRO C 205 17.99 5.97 42.18
CA PRO C 205 17.66 4.54 42.03
C PRO C 205 16.84 4.08 43.22
N VAL C 206 15.70 3.45 42.95
CA VAL C 206 14.85 2.89 43.99
C VAL C 206 15.24 1.44 44.20
N THR C 207 15.16 0.99 45.46
CA THR C 207 15.49 -0.38 45.82
C THR C 207 14.36 -0.94 46.67
N LYS C 208 13.72 -1.99 46.17
CA LYS C 208 12.79 -2.77 46.96
C LYS C 208 13.52 -3.99 47.47
N SER C 209 13.37 -4.29 48.77
CA SER C 209 14.19 -5.30 49.40
C SER C 209 13.39 -6.04 50.46
N PHE C 210 13.79 -7.28 50.72
CA PHE C 210 13.25 -8.06 51.82
C PHE C 210 14.36 -8.93 52.39
N ASN C 211 14.15 -9.41 53.61
CA ASN C 211 15.11 -10.25 54.32
C ASN C 211 14.47 -11.60 54.56
N ARG C 212 15.10 -12.66 54.03
CA ARG C 212 14.55 -14.00 54.06
C ARG C 212 14.16 -14.41 55.47
N GLY C 213 12.88 -14.71 55.67
CA GLY C 213 12.35 -15.11 56.96
C GLY C 213 11.44 -14.08 57.60
N GLU C 214 11.38 -12.86 57.08
CA GLU C 214 10.54 -11.83 57.65
C GLU C 214 9.27 -11.64 56.81
N ASP D 1 8.88 -4.34 -11.23
CA ASP D 1 8.69 -4.22 -12.67
C ASP D 1 9.48 -3.03 -13.21
N ILE D 2 9.64 -2.99 -14.53
CA ILE D 2 10.44 -1.96 -15.17
C ILE D 2 9.62 -0.68 -15.27
N GLN D 3 10.27 0.44 -14.97
CA GLN D 3 9.64 1.76 -15.03
C GLN D 3 10.02 2.44 -16.33
N MET D 4 9.01 2.85 -17.10
CA MET D 4 9.22 3.59 -18.34
C MET D 4 8.87 5.05 -18.08
N THR D 5 9.83 5.94 -18.34
CA THR D 5 9.64 7.38 -18.16
C THR D 5 9.93 8.09 -19.47
N GLN D 6 9.05 9.01 -19.85
CA GLN D 6 9.14 9.69 -21.13
C GLN D 6 9.45 11.17 -20.93
N SER D 7 10.34 11.68 -21.78
CA SER D 7 10.81 13.06 -21.69
C SER D 7 10.69 13.72 -23.06
N PRO D 8 10.01 14.87 -23.16
CA PRO D 8 9.30 15.52 -22.06
C PRO D 8 7.89 14.96 -21.91
N SER D 9 7.08 15.57 -21.03
CA SER D 9 5.69 15.13 -20.91
C SER D 9 4.80 15.78 -21.95
N THR D 10 5.05 17.05 -22.26
CA THR D 10 4.39 17.77 -23.33
C THR D 10 5.45 18.48 -24.16
N LEU D 11 5.25 18.50 -25.47
CA LEU D 11 6.23 19.12 -26.37
C LEU D 11 5.47 19.97 -27.39
N SER D 12 5.81 21.26 -27.45
CA SER D 12 5.21 22.18 -28.41
C SER D 12 6.04 22.23 -29.67
N ALA D 13 5.39 22.03 -30.82
CA ALA D 13 6.06 22.10 -32.10
C ALA D 13 5.09 22.65 -33.14
N SER D 14 5.64 23.05 -34.28
CA SER D 14 4.86 23.53 -35.41
C SER D 14 5.03 22.58 -36.59
N VAL D 15 4.08 22.65 -37.53
CA VAL D 15 4.12 21.78 -38.69
C VAL D 15 5.42 21.98 -39.46
N GLY D 16 6.10 20.88 -39.77
CA GLY D 16 7.35 20.91 -40.49
C GLY D 16 8.58 20.72 -39.63
N ASP D 17 8.46 20.85 -38.32
CA ASP D 17 9.61 20.72 -37.43
C ASP D 17 10.13 19.28 -37.44
N ARG D 18 11.31 19.10 -36.86
CA ARG D 18 11.87 17.79 -36.59
C ARG D 18 11.76 17.55 -35.09
N VAL D 19 10.97 16.55 -34.71
CA VAL D 19 10.62 16.31 -33.32
C VAL D 19 11.24 15.00 -32.86
N THR D 20 11.81 15.01 -31.66
CA THR D 20 12.31 13.81 -31.01
C THR D 20 11.81 13.77 -29.58
N ILE D 21 11.27 12.63 -29.18
CA ILE D 21 10.91 12.35 -27.79
C ILE D 21 11.69 11.13 -27.33
N THR D 22 11.92 11.05 -26.03
CA THR D 22 12.80 10.05 -25.48
C THR D 22 12.08 9.19 -24.45
N CYS D 23 12.51 7.93 -24.35
CA CYS D 23 11.99 6.98 -23.37
C CYS D 23 13.16 6.30 -22.67
N ARG D 24 13.23 6.46 -21.35
CA ARG D 24 14.27 5.85 -20.54
C ARG D 24 13.65 4.77 -19.65
N ALA D 25 14.32 3.63 -19.54
CA ALA D 25 13.82 2.52 -18.75
C ALA D 25 14.65 2.37 -17.48
N SER D 26 14.02 1.81 -16.44
CA SER D 26 14.72 1.60 -15.18
C SER D 26 15.94 0.69 -15.36
N GLN D 27 15.78 -0.40 -16.09
CA GLN D 27 16.88 -1.30 -16.44
C GLN D 27 16.87 -1.53 -17.94
N SER D 28 17.88 -2.24 -18.43
CA SER D 28 18.02 -2.48 -19.85
C SER D 28 16.88 -3.35 -20.37
N VAL D 29 16.34 -2.96 -21.52
CA VAL D 29 15.31 -3.74 -22.19
C VAL D 29 15.84 -4.28 -23.53
N SER D 30 17.16 -4.31 -23.69
CA SER D 30 17.79 -4.61 -24.97
C SER D 30 17.18 -3.73 -26.05
N THR D 31 16.53 -4.35 -27.05
CA THR D 31 15.77 -3.62 -28.04
C THR D 31 14.30 -4.04 -28.06
N SER D 32 13.81 -4.67 -26.98
CA SER D 32 12.41 -5.06 -26.86
C SER D 32 11.60 -3.82 -26.49
N LEU D 33 11.29 -3.01 -27.50
CA LEU D 33 10.62 -1.75 -27.27
C LEU D 33 9.75 -1.38 -28.47
N ALA D 34 8.62 -0.73 -28.17
CA ALA D 34 7.67 -0.32 -29.18
C ALA D 34 7.16 1.08 -28.88
N TRP D 35 6.64 1.74 -29.92
CA TRP D 35 6.04 3.06 -29.81
C TRP D 35 4.64 3.04 -30.40
N TYR D 36 3.71 3.74 -29.74
CA TYR D 36 2.34 3.84 -30.21
C TYR D 36 1.93 5.31 -30.30
N GLN D 37 1.00 5.58 -31.21
CA GLN D 37 0.35 6.88 -31.31
C GLN D 37 -1.10 6.73 -30.86
N GLN D 38 -1.58 7.68 -30.07
CA GLN D 38 -2.96 7.66 -29.62
C GLN D 38 -3.55 9.06 -29.67
N LYS D 39 -4.73 9.17 -30.27
CA LYS D 39 -5.53 10.38 -30.30
C LYS D 39 -6.77 10.22 -29.44
N PRO D 40 -7.31 11.31 -28.90
CA PRO D 40 -8.42 11.20 -27.94
C PRO D 40 -9.58 10.38 -28.49
N GLY D 41 -10.11 9.50 -27.62
CA GLY D 41 -11.28 8.70 -27.96
C GLY D 41 -11.03 7.52 -28.86
N LYS D 42 -9.78 7.19 -29.17
CA LYS D 42 -9.46 6.11 -30.07
C LYS D 42 -8.38 5.22 -29.47
N ALA D 43 -8.38 3.96 -29.87
CA ALA D 43 -7.39 3.00 -29.40
C ALA D 43 -6.02 3.36 -29.97
N PRO D 44 -4.94 2.94 -29.29
CA PRO D 44 -3.59 3.24 -29.78
C PRO D 44 -3.31 2.59 -31.13
N ASN D 45 -2.33 3.16 -31.83
CA ASN D 45 -1.89 2.68 -33.12
C ASN D 45 -0.40 2.38 -33.09
N LEU D 46 -0.02 1.20 -33.57
CA LEU D 46 1.37 0.79 -33.55
C LEU D 46 2.20 1.60 -34.54
N LEU D 47 3.31 2.15 -34.06
CA LEU D 47 4.24 2.90 -34.90
C LEU D 47 5.55 2.15 -35.14
N ILE D 48 6.23 1.76 -34.06
CA ILE D 48 7.57 1.20 -34.12
C ILE D 48 7.60 -0.01 -33.20
N TYR D 49 8.36 -1.04 -33.58
CA TYR D 49 8.61 -2.16 -32.69
C TYR D 49 10.07 -2.60 -32.85
N GLN D 50 10.52 -3.42 -31.90
CA GLN D 50 11.92 -3.84 -31.81
C GLN D 50 12.86 -2.64 -31.92
N ALA D 51 12.49 -1.56 -31.22
CA ALA D 51 13.26 -0.32 -31.10
C ALA D 51 13.27 0.51 -32.38
N SER D 52 13.37 -0.12 -33.56
CA SER D 52 13.57 0.67 -34.78
C SER D 52 12.87 0.12 -36.02
N THR D 53 12.04 -0.90 -35.93
CA THR D 53 11.37 -1.45 -37.10
C THR D 53 10.05 -0.71 -37.33
N LEU D 54 9.91 -0.12 -38.51
CA LEU D 54 8.70 0.61 -38.86
C LEU D 54 7.57 -0.37 -39.16
N TYR D 55 6.43 -0.16 -38.52
CA TYR D 55 5.25 -0.99 -38.78
C TYR D 55 4.68 -0.67 -40.16
N ARG D 56 4.27 -1.71 -40.88
CA ARG D 56 3.76 -1.54 -42.23
C ARG D 56 2.52 -0.65 -42.22
N GLY D 57 2.54 0.38 -43.06
CA GLY D 57 1.49 1.37 -43.12
C GLY D 57 1.82 2.68 -42.45
N VAL D 58 2.82 2.69 -41.57
CA VAL D 58 3.21 3.91 -40.87
C VAL D 58 4.02 4.79 -41.81
N PRO D 59 3.75 6.09 -41.90
CA PRO D 59 4.54 6.96 -42.77
C PRO D 59 6.02 6.91 -42.40
N SER D 60 6.87 7.00 -43.42
CA SER D 60 8.31 6.83 -43.22
C SER D 60 8.94 7.97 -42.43
N ARG D 61 8.22 9.06 -42.18
CA ARG D 61 8.76 10.14 -41.36
C ARG D 61 8.97 9.71 -39.92
N PHE D 62 8.38 8.60 -39.49
CA PHE D 62 8.59 8.07 -38.16
C PHE D 62 9.80 7.14 -38.15
N SER D 63 10.56 7.19 -37.06
CA SER D 63 11.69 6.29 -36.89
C SER D 63 12.03 6.21 -35.40
N GLY D 64 12.46 5.03 -34.98
CA GLY D 64 12.85 4.78 -33.60
C GLY D 64 14.33 4.49 -33.50
N SER D 65 14.90 4.82 -32.35
CA SER D 65 16.33 4.63 -32.11
C SER D 65 16.54 4.29 -30.63
N GLY D 66 17.70 3.71 -30.35
CA GLY D 66 18.06 3.44 -28.97
C GLY D 66 18.40 1.99 -28.66
N SER D 67 19.08 1.79 -27.55
CA SER D 67 19.44 0.46 -27.07
C SER D 67 19.53 0.49 -25.55
N GLY D 68 19.34 -0.69 -24.94
CA GLY D 68 19.48 -0.81 -23.51
C GLY D 68 18.45 -0.04 -22.71
N THR D 69 18.80 1.16 -22.26
CA THR D 69 17.96 1.91 -21.33
C THR D 69 17.41 3.21 -21.90
N GLU D 70 17.93 3.72 -23.01
CA GLU D 70 17.51 5.01 -23.55
C GLU D 70 17.05 4.84 -24.99
N PHE D 71 15.90 5.44 -25.32
CA PHE D 71 15.31 5.27 -26.64
C PHE D 71 14.70 6.58 -27.09
N THR D 72 14.55 6.72 -28.41
CA THR D 72 14.00 7.92 -29.00
C THR D 72 12.99 7.56 -30.08
N LEU D 73 11.97 8.40 -30.21
CA LEU D 73 11.09 8.40 -31.38
C LEU D 73 11.28 9.74 -32.08
N THR D 74 11.50 9.70 -33.39
CA THR D 74 11.76 10.90 -34.18
C THR D 74 10.73 11.01 -35.29
N ILE D 75 10.17 12.19 -35.47
CA ILE D 75 9.31 12.51 -36.60
C ILE D 75 10.06 13.51 -37.46
N GLY D 76 10.46 13.08 -38.65
CA GLY D 76 11.35 13.89 -39.47
C GLY D 76 10.77 15.25 -39.79
N SER D 77 9.50 15.30 -40.20
CA SER D 77 8.83 16.55 -40.53
C SER D 77 7.38 16.42 -40.05
N LEU D 78 7.01 17.22 -39.05
CA LEU D 78 5.73 17.03 -38.37
C LEU D 78 4.56 17.47 -39.26
N GLN D 79 3.64 16.54 -39.51
CA GLN D 79 2.44 16.80 -40.26
C GLN D 79 1.31 17.24 -39.33
N PRO D 80 0.30 17.94 -39.86
CA PRO D 80 -0.84 18.34 -39.01
C PRO D 80 -1.61 17.14 -38.46
N ASP D 81 -1.39 15.95 -39.01
CA ASP D 81 -2.08 14.75 -38.56
C ASP D 81 -1.36 14.03 -37.42
N ASP D 82 -0.18 14.50 -37.02
CA ASP D 82 0.62 13.78 -36.03
C ASP D 82 0.54 14.39 -34.63
N PHE D 83 -0.29 15.41 -34.42
CA PHE D 83 -0.45 15.96 -33.07
C PHE D 83 -1.30 15.00 -32.26
N ALA D 84 -0.65 14.30 -31.33
CA ALA D 84 -1.27 13.21 -30.58
C ALA D 84 -0.38 12.92 -29.36
N THR D 85 -0.71 11.84 -28.65
CA THR D 85 0.09 11.39 -27.51
C THR D 85 0.80 10.09 -27.89
N TYR D 86 2.09 10.01 -27.55
CA TYR D 86 2.95 8.92 -27.97
C TYR D 86 3.45 8.16 -26.74
N TYR D 87 3.27 6.85 -26.75
CA TYR D 87 3.64 5.99 -25.63
C TYR D 87 4.75 5.04 -26.03
N CYS D 88 5.72 4.82 -25.14
CA CYS D 88 6.64 3.72 -25.33
C CYS D 88 6.18 2.51 -24.52
N GLN D 89 6.66 1.34 -24.92
CA GLN D 89 6.24 0.09 -24.31
C GLN D 89 7.36 -0.92 -24.46
N HIS D 90 7.80 -1.47 -23.33
CA HIS D 90 8.81 -2.52 -23.31
C HIS D 90 8.16 -3.89 -23.19
N TYR D 91 8.82 -4.89 -23.75
CA TYR D 91 8.43 -6.29 -23.58
C TYR D 91 9.68 -7.13 -23.39
N ASN D 92 10.57 -6.65 -22.54
CA ASN D 92 11.81 -7.38 -22.24
C ASN D 92 11.50 -8.73 -21.62
N SER D 93 12.28 -9.74 -22.00
CA SER D 93 12.07 -11.08 -21.49
C SER D 93 12.09 -11.10 -19.97
N TYR D 94 11.19 -11.90 -19.40
CA TYR D 94 11.09 -12.09 -17.95
C TYR D 94 10.74 -10.81 -17.22
N SER D 95 10.06 -9.88 -17.90
CA SER D 95 9.58 -8.65 -17.30
C SER D 95 8.16 -8.39 -17.76
N ARG D 96 7.28 -8.10 -16.82
CA ARG D 96 5.89 -7.79 -17.16
C ARG D 96 5.83 -6.47 -17.92
N ILE D 97 4.99 -6.45 -18.98
CA ILE D 97 4.96 -5.31 -19.89
C ILE D 97 4.61 -4.03 -19.15
N THR D 98 5.31 -2.95 -19.50
CA THR D 98 5.05 -1.64 -18.94
C THR D 98 4.99 -0.60 -20.05
N PHE D 99 4.14 0.40 -19.86
CA PHE D 99 4.04 1.55 -20.76
C PHE D 99 4.60 2.79 -20.08
N GLY D 100 5.22 3.66 -20.86
CA GLY D 100 5.49 5.00 -20.40
C GLY D 100 4.21 5.79 -20.21
N GLN D 101 4.32 6.89 -19.46
CA GLN D 101 3.14 7.69 -19.18
C GLN D 101 2.68 8.52 -20.37
N GLY D 102 3.47 8.59 -21.43
CA GLY D 102 3.06 9.26 -22.65
C GLY D 102 3.69 10.64 -22.81
N THR D 103 3.75 11.09 -24.06
CA THR D 103 4.21 12.42 -24.41
C THR D 103 3.22 13.03 -25.38
N ARG D 104 2.69 14.19 -25.03
CA ARG D 104 1.69 14.88 -25.86
C ARG D 104 2.39 15.90 -26.74
N LEU D 105 2.23 15.76 -28.05
CA LEU D 105 2.71 16.75 -29.00
C LEU D 105 1.59 17.75 -29.26
N GLU D 106 1.88 19.03 -29.02
CA GLU D 106 0.89 20.09 -29.06
C GLU D 106 1.36 21.18 -30.02
N ILE D 107 0.39 21.92 -30.57
CA ILE D 107 0.68 22.91 -31.60
C ILE D 107 1.28 24.16 -30.96
N LYS D 108 2.32 24.71 -31.59
CA LYS D 108 2.99 25.90 -31.08
C LYS D 108 2.30 27.16 -31.59
N ARG D 109 2.24 28.17 -30.73
CA ARG D 109 1.62 29.46 -31.06
C ARG D 109 2.23 30.51 -30.15
N THR D 110 1.85 31.77 -30.40
CA THR D 110 2.32 32.88 -29.57
C THR D 110 1.63 32.86 -28.21
N VAL D 111 2.24 33.58 -27.26
CA VAL D 111 1.69 33.65 -25.92
C VAL D 111 0.40 34.46 -25.93
N ALA D 112 -0.60 33.98 -25.21
CA ALA D 112 -1.89 34.68 -25.10
C ALA D 112 -2.31 34.64 -23.63
N ALA D 113 -2.41 35.83 -23.02
CA ALA D 113 -2.83 35.91 -21.64
C ALA D 113 -4.30 35.50 -21.49
N PRO D 114 -4.67 34.91 -20.37
CA PRO D 114 -6.06 34.47 -20.19
C PRO D 114 -6.98 35.60 -19.76
N SER D 115 -8.24 35.49 -20.19
CA SER D 115 -9.30 36.30 -19.62
C SER D 115 -9.82 35.61 -18.35
N VAL D 116 -9.93 36.36 -17.27
CA VAL D 116 -10.28 35.80 -15.96
C VAL D 116 -11.69 36.25 -15.60
N PHE D 117 -12.51 35.29 -15.20
CA PHE D 117 -13.87 35.55 -14.73
C PHE D 117 -14.10 34.73 -13.46
N ILE D 118 -14.84 35.30 -12.52
CA ILE D 118 -15.22 34.60 -11.30
C ILE D 118 -16.73 34.61 -11.19
N PHE D 119 -17.28 33.54 -10.61
CA PHE D 119 -18.72 33.36 -10.51
C PHE D 119 -19.09 32.98 -9.09
N PRO D 120 -19.83 33.82 -8.38
CA PRO D 120 -20.37 33.42 -7.06
C PRO D 120 -21.37 32.29 -7.22
N PRO D 121 -21.58 31.49 -6.18
CA PRO D 121 -22.60 30.44 -6.26
C PRO D 121 -23.99 31.02 -6.49
N SER D 122 -24.71 30.40 -7.41
CA SER D 122 -26.04 30.89 -7.78
C SER D 122 -26.99 30.81 -6.59
N ASP D 123 -28.07 31.59 -6.66
CA ASP D 123 -29.12 31.49 -5.65
C ASP D 123 -29.72 30.10 -5.62
N GLU D 124 -29.81 29.44 -6.78
CA GLU D 124 -30.40 28.12 -6.86
C GLU D 124 -29.57 27.10 -6.10
N GLN D 125 -28.25 27.14 -6.28
CA GLN D 125 -27.38 26.21 -5.58
C GLN D 125 -27.33 26.49 -4.08
N LEU D 126 -27.67 27.71 -3.65
CA LEU D 126 -27.71 27.98 -2.23
C LEU D 126 -28.96 27.41 -1.57
N LYS D 127 -30.04 27.21 -2.32
CA LYS D 127 -31.15 26.41 -1.81
C LYS D 127 -30.81 24.93 -1.70
N SER D 128 -29.59 24.53 -2.10
CA SER D 128 -29.19 23.12 -2.12
C SER D 128 -28.42 22.70 -0.89
N GLY D 129 -27.73 23.62 -0.21
CA GLY D 129 -26.85 23.27 0.88
C GLY D 129 -25.38 23.15 0.52
N THR D 130 -25.02 23.48 -0.72
CA THR D 130 -23.63 23.46 -1.16
C THR D 130 -23.38 24.68 -2.04
N ALA D 131 -22.19 25.28 -1.89
CA ALA D 131 -21.84 26.48 -2.61
C ALA D 131 -20.58 26.22 -3.43
N SER D 132 -20.68 26.41 -4.75
CA SER D 132 -19.56 26.22 -5.66
C SER D 132 -19.14 27.57 -6.23
N VAL D 133 -17.89 27.95 -6.02
CA VAL D 133 -17.29 29.13 -6.63
C VAL D 133 -16.43 28.66 -7.79
N VAL D 134 -16.57 29.35 -8.92
CA VAL D 134 -15.94 28.95 -10.17
C VAL D 134 -15.15 30.14 -10.71
N CYS D 135 -13.89 29.90 -11.05
CA CYS D 135 -13.02 30.85 -11.72
C CYS D 135 -12.73 30.35 -13.14
N LEU D 136 -12.95 31.21 -14.13
CA LEU D 136 -12.82 30.84 -15.53
C LEU D 136 -11.62 31.53 -16.17
N LEU D 137 -10.72 30.74 -16.75
CA LEU D 137 -9.55 31.24 -17.47
C LEU D 137 -9.78 30.92 -18.96
N ASN D 138 -10.00 31.96 -19.76
CA ASN D 138 -10.44 31.78 -21.14
C ASN D 138 -9.33 32.09 -22.13
N ASN D 139 -9.11 31.16 -23.07
CA ASN D 139 -8.28 31.36 -24.26
C ASN D 139 -6.88 31.86 -23.90
N PHE D 140 -6.08 30.94 -23.39
CA PHE D 140 -4.71 31.26 -23.00
C PHE D 140 -3.73 30.27 -23.59
N TYR D 141 -2.45 30.67 -23.57
CA TYR D 141 -1.34 29.86 -24.05
C TYR D 141 -0.05 30.41 -23.46
N PRO D 142 0.89 29.55 -23.01
CA PRO D 142 0.81 28.08 -22.99
C PRO D 142 -0.09 27.58 -21.86
N ARG D 143 -0.26 26.26 -21.76
CA ARG D 143 -1.29 25.71 -20.88
C ARG D 143 -0.96 25.84 -19.41
N GLU D 144 0.32 26.00 -19.07
CA GLU D 144 0.74 26.03 -17.67
C GLU D 144 0.30 27.34 -17.02
N ALA D 145 -0.68 27.25 -16.13
CA ALA D 145 -1.13 28.40 -15.35
C ALA D 145 -1.39 27.95 -13.92
N LYS D 146 -1.23 28.87 -12.99
CA LYS D 146 -1.46 28.62 -11.57
C LYS D 146 -2.67 29.42 -11.10
N VAL D 147 -3.64 28.74 -10.51
CA VAL D 147 -4.80 29.38 -9.91
C VAL D 147 -4.77 29.13 -8.41
N GLN D 148 -5.08 30.15 -7.63
CA GLN D 148 -5.09 30.04 -6.19
C GLN D 148 -6.32 30.74 -5.64
N TRP D 149 -6.99 30.09 -4.69
CA TRP D 149 -8.17 30.63 -4.03
C TRP D 149 -7.75 31.22 -2.69
N LYS D 150 -8.25 32.42 -2.40
CA LYS D 150 -8.01 33.05 -1.11
C LYS D 150 -9.37 33.45 -0.53
N VAL D 151 -9.77 32.78 0.55
CA VAL D 151 -11.01 33.10 1.26
C VAL D 151 -10.63 33.91 2.49
N ASP D 152 -11.08 35.16 2.54
CA ASP D 152 -10.60 36.14 3.52
C ASP D 152 -9.08 36.20 3.49
N ASN D 153 -8.54 36.20 2.27
CA ASN D 153 -7.10 36.16 1.95
C ASN D 153 -6.36 35.06 2.71
N ALA D 154 -7.07 34.07 3.22
CA ALA D 154 -6.43 32.85 3.70
C ALA D 154 -6.31 31.89 2.52
N LEU D 155 -5.10 31.41 2.27
CA LEU D 155 -4.87 30.52 1.14
C LEU D 155 -5.63 29.23 1.33
N GLN D 156 -6.34 28.79 0.30
CA GLN D 156 -7.08 27.55 0.32
C GLN D 156 -6.28 26.43 -0.33
N SER D 157 -6.50 25.22 0.16
CA SER D 157 -5.73 24.05 -0.27
C SER D 157 -6.57 22.80 -0.12
N GLY D 158 -6.71 22.04 -1.21
CA GLY D 158 -7.35 20.75 -1.15
C GLY D 158 -8.86 20.73 -1.23
N ASN D 159 -9.50 21.87 -1.50
CA ASN D 159 -10.94 21.93 -1.64
C ASN D 159 -11.36 22.46 -3.02
N SER D 160 -10.53 22.21 -4.03
CA SER D 160 -10.82 22.66 -5.39
C SER D 160 -10.33 21.63 -6.39
N GLN D 161 -11.01 21.59 -7.53
CA GLN D 161 -10.61 20.76 -8.67
C GLN D 161 -10.57 21.64 -9.91
N GLU D 162 -9.70 21.29 -10.86
CA GLU D 162 -9.62 22.02 -12.11
C GLU D 162 -9.88 21.08 -13.29
N SER D 163 -10.23 21.71 -14.41
CA SER D 163 -10.58 21.00 -15.64
C SER D 163 -10.03 21.78 -16.82
N VAL D 164 -9.35 21.09 -17.73
CA VAL D 164 -8.68 21.73 -18.87
C VAL D 164 -9.24 21.16 -20.17
N THR D 165 -9.59 22.06 -21.08
CA THR D 165 -10.08 21.65 -22.38
C THR D 165 -8.93 21.16 -23.25
N GLU D 166 -9.30 20.45 -24.32
CA GLU D 166 -8.33 20.15 -25.37
C GLU D 166 -7.92 21.45 -26.06
N GLN D 167 -6.78 21.40 -26.74
CA GLN D 167 -6.31 22.57 -27.48
C GLN D 167 -7.33 22.93 -28.55
N ASP D 168 -7.81 24.17 -28.50
CA ASP D 168 -8.73 24.65 -29.52
C ASP D 168 -8.10 24.50 -30.91
N SER D 169 -8.96 24.34 -31.92
CA SER D 169 -8.48 24.13 -33.28
C SER D 169 -8.59 25.36 -34.17
N LYS D 170 -9.30 26.40 -33.73
CA LYS D 170 -9.34 27.66 -34.47
C LYS D 170 -8.16 28.54 -34.13
N ASP D 171 -7.83 28.69 -32.83
CA ASP D 171 -6.73 29.53 -32.40
C ASP D 171 -5.71 28.81 -31.52
N SER D 172 -5.90 27.52 -31.25
CA SER D 172 -4.92 26.68 -30.56
C SER D 172 -4.68 27.15 -29.12
N THR D 173 -5.67 27.81 -28.52
CA THR D 173 -5.54 28.24 -27.14
C THR D 173 -6.05 27.16 -26.20
N TYR D 174 -5.99 27.46 -24.90
CA TYR D 174 -6.52 26.60 -23.86
C TYR D 174 -7.46 27.40 -22.98
N SER D 175 -8.41 26.71 -22.36
CA SER D 175 -9.25 27.30 -21.33
C SER D 175 -9.29 26.36 -20.14
N LEU D 176 -9.39 26.95 -18.95
CA LEU D 176 -9.29 26.21 -17.69
C LEU D 176 -10.40 26.66 -16.75
N SER D 177 -10.92 25.73 -15.98
CA SER D 177 -11.95 25.99 -14.98
C SER D 177 -11.47 25.49 -13.62
N SER D 178 -11.66 26.31 -12.59
CA SER D 178 -11.32 25.93 -11.22
C SER D 178 -12.55 26.13 -10.34
N THR D 179 -13.04 25.04 -9.77
CA THR D 179 -14.25 25.06 -8.95
C THR D 179 -13.85 24.86 -7.49
N LEU D 180 -14.06 25.89 -6.68
CA LEU D 180 -13.90 25.81 -5.23
C LEU D 180 -15.27 25.51 -4.62
N THR D 181 -15.37 24.43 -3.87
CA THR D 181 -16.63 24.00 -3.29
C THR D 181 -16.54 24.01 -1.77
N LEU D 182 -17.55 24.59 -1.13
CA LEU D 182 -17.65 24.64 0.32
C LEU D 182 -19.01 24.16 0.75
N SER D 183 -19.15 23.92 2.05
CA SER D 183 -20.49 23.82 2.60
C SER D 183 -21.15 25.19 2.55
N LYS D 184 -22.48 25.21 2.63
CA LYS D 184 -23.17 26.49 2.77
C LYS D 184 -22.84 27.13 4.11
N ALA D 185 -22.59 26.32 5.14
CA ALA D 185 -22.18 26.86 6.43
C ALA D 185 -20.85 27.59 6.31
N ASP D 186 -19.88 26.99 5.61
CA ASP D 186 -18.58 27.63 5.49
C ASP D 186 -18.62 28.82 4.52
N TYR D 187 -19.47 28.76 3.50
CA TYR D 187 -19.57 29.87 2.57
C TYR D 187 -20.08 31.13 3.26
N GLU D 188 -21.03 30.98 4.20
CA GLU D 188 -21.62 32.11 4.88
C GLU D 188 -20.80 32.59 6.08
N LYS D 189 -19.74 31.87 6.45
CA LYS D 189 -18.86 32.28 7.53
C LYS D 189 -17.70 33.14 7.06
N HIS D 190 -17.67 33.50 5.78
CA HIS D 190 -16.60 34.32 5.23
C HIS D 190 -17.18 35.35 4.28
N LYS D 191 -16.38 36.35 3.96
CA LYS D 191 -16.86 37.51 3.21
C LYS D 191 -16.24 37.65 1.83
N VAL D 192 -14.91 37.65 1.72
CA VAL D 192 -14.22 37.95 0.48
C VAL D 192 -13.75 36.65 -0.16
N TYR D 193 -14.06 36.48 -1.45
CA TYR D 193 -13.68 35.30 -2.22
C TYR D 193 -12.95 35.76 -3.47
N ALA D 194 -11.79 35.16 -3.74
CA ALA D 194 -10.93 35.64 -4.83
C ALA D 194 -10.21 34.46 -5.47
N CYS D 195 -9.98 34.52 -6.78
CA CYS D 195 -9.01 33.65 -7.43
C CYS D 195 -7.90 34.51 -8.03
N GLU D 196 -6.66 34.10 -7.82
CA GLU D 196 -5.46 34.79 -8.27
C GLU D 196 -4.76 33.92 -9.30
N VAL D 197 -4.61 34.43 -10.51
CA VAL D 197 -4.15 33.66 -11.65
C VAL D 197 -2.74 34.12 -12.00
N THR D 198 -1.80 33.19 -12.03
CA THR D 198 -0.43 33.44 -12.46
C THR D 198 -0.21 32.75 -13.80
N HIS D 199 0.33 33.47 -14.77
CA HIS D 199 0.50 32.93 -16.11
C HIS D 199 1.59 33.71 -16.82
N GLN D 200 2.22 33.04 -17.79
CA GLN D 200 3.38 33.63 -18.48
C GLN D 200 3.01 34.92 -19.20
N GLY D 201 1.77 35.02 -19.69
CA GLY D 201 1.35 36.20 -20.43
C GLY D 201 0.88 37.37 -19.60
N LEU D 202 1.01 37.29 -18.28
CA LEU D 202 0.55 38.35 -17.38
C LEU D 202 1.73 38.93 -16.63
N SER D 203 1.87 40.25 -16.67
CA SER D 203 2.94 40.93 -15.94
C SER D 203 2.84 40.65 -14.45
N SER D 204 1.67 40.94 -13.87
CA SER D 204 1.36 40.64 -12.48
C SER D 204 0.20 39.66 -12.40
N PRO D 205 0.10 38.88 -11.33
CA PRO D 205 -1.04 37.95 -11.20
C PRO D 205 -2.33 38.72 -11.00
N VAL D 206 -3.27 38.56 -11.92
CA VAL D 206 -4.53 39.28 -11.85
C VAL D 206 -5.48 38.54 -10.91
N THR D 207 -6.19 39.29 -10.08
CA THR D 207 -7.09 38.74 -9.08
C THR D 207 -8.51 39.20 -9.36
N LYS D 208 -9.45 38.26 -9.38
CA LYS D 208 -10.87 38.56 -9.47
C LYS D 208 -11.50 38.25 -8.12
N SER D 209 -12.29 39.21 -7.61
CA SER D 209 -12.85 39.10 -6.27
C SER D 209 -14.34 39.34 -6.30
N PHE D 210 -14.99 38.93 -5.22
CA PHE D 210 -16.36 39.32 -4.93
C PHE D 210 -16.61 39.13 -3.43
N ASN D 211 -17.69 39.71 -2.95
CA ASN D 211 -18.11 39.58 -1.57
C ASN D 211 -19.46 38.89 -1.51
N ARG D 212 -19.68 38.09 -0.48
CA ARG D 212 -20.94 37.36 -0.36
C ARG D 212 -22.08 38.31 -0.02
N GLY D 213 -23.17 38.21 -0.77
CA GLY D 213 -24.36 38.98 -0.47
C GLY D 213 -24.26 40.46 -0.75
N GLU D 214 -23.45 40.86 -1.73
CA GLU D 214 -23.29 42.27 -2.07
C GLU D 214 -23.16 42.44 -3.57
N CYS D 215 -23.69 43.55 -4.08
CA CYS D 215 -23.51 43.94 -5.47
C CYS D 215 -22.29 44.86 -5.58
N ASN E 2 23.58 -18.07 -8.84
CA ASN E 2 23.01 -16.93 -8.12
C ASN E 2 21.69 -17.32 -7.46
N PRO E 3 21.69 -17.38 -6.12
CA PRO E 3 20.46 -17.77 -5.41
C PRO E 3 19.34 -16.74 -5.51
N ASN E 4 19.68 -15.48 -5.82
CA ASN E 4 18.68 -14.43 -5.97
C ASN E 4 18.39 -14.12 -7.44
N ALA E 5 18.74 -15.03 -8.34
CA ALA E 5 18.36 -14.86 -9.74
C ALA E 5 16.85 -15.00 -9.90
N ASN E 6 16.35 -14.47 -11.00
CA ASN E 6 14.92 -14.45 -11.25
C ASN E 6 14.34 -15.87 -11.30
N PRO E 7 13.47 -16.25 -10.37
CA PRO E 7 12.92 -17.60 -10.35
C PRO E 7 11.59 -17.77 -11.08
N ASN E 8 11.09 -16.72 -11.73
CA ASN E 8 9.75 -16.73 -12.29
C ASN E 8 9.76 -17.00 -13.79
N ALA E 9 8.61 -17.39 -14.30
CA ALA E 9 8.46 -17.70 -15.72
C ALA E 9 8.53 -16.41 -16.55
N ASN E 10 8.71 -16.58 -17.86
CA ASN E 10 8.81 -15.46 -18.77
C ASN E 10 7.43 -15.12 -19.31
N PRO E 11 6.85 -13.97 -18.96
CA PRO E 11 5.51 -13.62 -19.47
C PRO E 11 5.51 -13.14 -20.91
N ASN E 12 6.67 -12.84 -21.49
CA ASN E 12 6.76 -12.31 -22.85
C ASN E 12 7.25 -13.35 -23.84
N ALA E 13 7.28 -14.62 -23.46
CA ALA E 13 7.59 -15.67 -24.43
C ALA E 13 6.53 -15.70 -25.52
N ASN E 14 6.88 -16.32 -26.64
CA ASN E 14 6.00 -16.35 -27.81
C ASN E 14 4.69 -17.08 -27.46
N PRO E 15 3.54 -16.41 -27.55
CA PRO E 15 2.26 -17.06 -27.26
C PRO E 15 1.47 -17.53 -28.48
N ASN E 16 2.00 -17.37 -29.68
CA ASN E 16 1.24 -17.65 -30.89
C ASN E 16 1.43 -19.09 -31.34
N ALA E 17 0.76 -19.44 -32.44
CA ALA E 17 0.82 -20.80 -32.97
C ALA E 17 2.12 -21.04 -33.73
#